data_4P3I
#
_entry.id   4P3I
#
_cell.length_a   62.168
_cell.length_b   63.277
_cell.length_c   90.400
_cell.angle_alpha   72.77
_cell.angle_beta   82.20
_cell.angle_gamma   60.31
#
_symmetry.space_group_name_H-M   'P 1'
#
loop_
_entity.id
_entity.type
_entity.pdbx_description
1 polymer 'P domain of VP1'
2 branched beta-D-galactopyranose-(1-3)-[alpha-L-fucopyranose-(1-4)]2-acetamido-2-deoxy-beta-D-glucopyranose
3 water water
#
_entity_poly.entity_id   1
_entity_poly.type   'polypeptide(L)'
_entity_poly.pdbx_seq_one_letter_code
;EQKTRQLTVPNIPLNNLANSRVPAMINKMTVSTDQNQVVQFQNGRCTLEGQLLGTTPVSASQVARIRGKVFSTASGKGLN
LTELDGTPYHAFESPAPLGFPDIGACDWHVSTFKVDQNLSGDPMSRLDVKQNAPFAPHLGSIEFTSDQDPTGDQLGTLAW
VSPSTSGARVDPWKIPSYGSTVTESTHLAPPIFPPGFGEAIVYFMSDFPIVSGNTAQVPCTLPQEFVSHFVEQQAPVRGE
AALLHYVDPDTHRNLGEFKLYPDGFITCVPNTGGGPQNLPTNGVFVFSSWVSRYYQLKPVG
;
_entity_poly.pdbx_strand_id   A,B,C,D
#
# COMPACT_ATOMS: atom_id res chain seq x y z
N GLN A 6 -10.34 5.79 14.86
CA GLN A 6 -10.18 7.12 15.45
C GLN A 6 -8.73 7.49 15.68
N LEU A 7 -8.38 8.72 15.32
CA LEU A 7 -7.02 9.23 15.45
C LEU A 7 -6.62 9.46 16.91
N THR A 8 -5.44 8.96 17.28
CA THR A 8 -4.82 9.31 18.55
C THR A 8 -3.39 9.67 18.24
N VAL A 9 -2.69 10.25 19.23
CA VAL A 9 -1.25 10.42 19.17
C VAL A 9 -0.64 9.61 20.32
N PRO A 10 0.66 9.30 20.22
CA PRO A 10 1.28 8.43 21.24
C PRO A 10 1.16 8.96 22.65
N ASN A 11 0.74 8.08 23.55
CA ASN A 11 0.74 8.35 24.98
C ASN A 11 2.13 8.15 25.57
N ILE A 12 3.05 9.03 25.15
CA ILE A 12 4.46 8.96 25.51
C ILE A 12 4.93 10.39 25.76
N PRO A 13 5.59 10.63 26.90
CA PRO A 13 6.05 11.99 27.20
C PRO A 13 7.15 12.43 26.25
N LEU A 14 7.27 13.74 26.08
CA LEU A 14 8.17 14.33 25.07
C LEU A 14 9.58 13.79 25.17
N ASN A 15 10.08 13.68 26.39
CA ASN A 15 11.46 13.28 26.63
C ASN A 15 11.74 11.80 26.35
N ASN A 16 10.69 11.02 26.11
CA ASN A 16 10.85 9.61 25.68
C ASN A 16 10.57 9.43 24.19
N LEU A 17 10.49 10.53 23.44
CA LEU A 17 10.31 10.46 21.98
C LEU A 17 11.64 10.66 21.26
N ALA A 18 11.81 9.93 20.15
CA ALA A 18 13.03 10.02 19.34
C ALA A 18 12.92 11.06 18.23
N ASN A 19 14.05 11.68 17.89
CA ASN A 19 14.15 12.54 16.71
C ASN A 19 13.95 11.70 15.45
N SER A 20 13.38 12.31 14.42
CA SER A 20 13.09 11.61 13.19
C SER A 20 14.12 11.90 12.11
N ARG A 21 15.10 12.74 12.43
CA ARG A 21 16.15 13.09 11.46
C ARG A 21 17.56 12.65 11.88
N VAL A 22 17.76 12.41 13.17
CA VAL A 22 19.03 11.84 13.67
C VAL A 22 18.70 10.81 14.76
N PRO A 23 19.61 9.85 15.01
CA PRO A 23 19.35 8.85 16.05
C PRO A 23 19.63 9.42 17.41
N ALA A 24 18.61 10.04 18.00
CA ALA A 24 18.76 10.80 19.23
C ALA A 24 17.39 10.98 19.85
N MET A 25 17.36 11.29 21.14
CA MET A 25 16.10 11.56 21.83
C MET A 25 15.77 13.05 21.81
N ILE A 26 14.49 13.37 21.78
CA ILE A 26 14.05 14.76 21.81
C ILE A 26 14.26 15.31 23.21
N ASN A 27 14.81 16.51 23.32
CA ASN A 27 14.99 17.12 24.63
C ASN A 27 14.26 18.46 24.82
N LYS A 28 13.76 19.02 23.73
CA LYS A 28 12.86 20.18 23.85
C LYS A 28 12.13 20.49 22.55
N MET A 29 11.16 21.39 22.66
CA MET A 29 10.45 21.92 21.50
C MET A 29 10.90 23.36 21.34
N THR A 30 10.80 23.87 20.12
CA THR A 30 10.99 25.30 19.92
C THR A 30 10.28 25.78 18.66
N VAL A 31 10.34 27.09 18.42
CA VAL A 31 9.88 27.64 17.17
C VAL A 31 11.07 28.28 16.47
N SER A 32 11.00 28.45 15.16
CA SER A 32 12.12 29.06 14.44
C SER A 32 12.21 30.56 14.73
N THR A 33 13.42 31.10 14.76
CA THR A 33 13.60 32.54 15.04
C THR A 33 12.93 33.40 13.99
N ASP A 34 12.98 32.96 12.74
CA ASP A 34 12.13 33.51 11.69
C ASP A 34 10.91 32.62 11.60
N GLN A 35 9.77 33.10 12.10
CA GLN A 35 8.60 32.23 12.17
C GLN A 35 7.91 32.01 10.84
N ASN A 36 8.40 32.70 9.81
CA ASN A 36 7.95 32.47 8.45
C ASN A 36 8.84 31.48 7.68
N GLN A 37 9.87 30.97 8.35
CA GLN A 37 10.79 30.02 7.70
C GLN A 37 10.09 28.77 7.19
N VAL A 38 10.30 28.45 5.91
CA VAL A 38 9.79 27.23 5.30
C VAL A 38 10.84 26.12 5.39
N VAL A 39 10.44 24.92 5.78
CA VAL A 39 11.36 23.78 5.78
C VAL A 39 10.88 22.70 4.83
N GLN A 40 11.77 21.80 4.45
CA GLN A 40 11.40 20.73 3.52
C GLN A 40 12.10 19.43 3.88
N PHE A 41 12.13 19.14 5.18
CA PHE A 41 12.78 17.92 5.67
C PHE A 41 12.21 16.71 4.95
N GLN A 42 13.04 15.71 4.68
CA GLN A 42 12.61 14.52 3.96
C GLN A 42 12.40 13.31 4.88
N ASN A 43 12.97 13.38 6.08
CA ASN A 43 12.70 12.41 7.12
C ASN A 43 11.74 13.02 8.14
N GLY A 44 11.07 12.19 8.91
CA GLY A 44 10.06 12.68 9.84
C GLY A 44 8.79 13.14 9.15
N ARG A 45 8.57 12.70 7.91
CA ARG A 45 7.41 13.14 7.13
C ARG A 45 6.39 12.02 6.93
N CYS A 46 5.16 12.25 7.37
CA CYS A 46 4.10 11.24 7.30
C CYS A 46 2.76 11.94 7.45
N THR A 47 1.78 11.59 6.63
CA THR A 47 0.44 12.17 6.80
C THR A 47 -0.29 11.52 7.98
N LEU A 48 -1.35 12.17 8.46
CA LEU A 48 -2.11 11.64 9.58
C LEU A 48 -2.78 10.30 9.24
N GLU A 49 -2.96 10.04 7.95
CA GLU A 49 -3.57 8.79 7.50
C GLU A 49 -2.54 7.67 7.41
N GLY A 50 -1.29 8.01 7.71
CA GLY A 50 -0.22 7.03 7.76
C GLY A 50 0.53 6.82 6.45
N GLN A 51 0.52 7.83 5.59
CA GLN A 51 1.29 7.76 4.35
C GLN A 51 2.67 8.34 4.56
N LEU A 52 3.69 7.51 4.46
CA LEU A 52 5.07 7.99 4.59
C LEU A 52 5.44 8.83 3.38
N LEU A 53 6.20 9.90 3.63
CA LEU A 53 6.62 10.82 2.58
C LEU A 53 8.15 10.96 2.56
N GLY A 54 8.71 11.38 1.42
CA GLY A 54 10.14 11.58 1.34
C GLY A 54 10.87 10.27 1.57
N THR A 55 11.93 10.30 2.36
CA THR A 55 12.72 9.10 2.68
C THR A 55 12.36 8.53 4.05
N THR A 56 11.29 9.06 4.65
CA THR A 56 10.90 8.70 6.02
C THR A 56 10.67 7.20 6.21
N PRO A 57 11.43 6.58 7.14
CA PRO A 57 11.22 5.18 7.49
C PRO A 57 10.27 5.05 8.69
N VAL A 58 10.00 3.82 9.10
CA VAL A 58 9.03 3.58 10.15
C VAL A 58 9.68 3.60 11.54
N SER A 59 10.88 3.03 11.65
CA SER A 59 11.49 2.83 12.97
C SER A 59 12.55 3.87 13.29
N ALA A 60 12.66 4.23 14.57
CA ALA A 60 13.73 5.12 15.03
C ALA A 60 15.13 4.56 14.70
N SER A 61 15.23 3.24 14.58
CA SER A 61 16.52 2.63 14.27
C SER A 61 16.79 2.49 12.77
N GLN A 62 15.96 3.15 11.96
CA GLN A 62 16.25 3.32 10.54
C GLN A 62 16.63 4.76 10.21
N VAL A 63 16.56 5.63 11.20
CA VAL A 63 16.73 7.04 10.94
C VAL A 63 18.19 7.44 10.71
N ALA A 64 18.47 8.07 9.58
CA ALA A 64 19.82 8.55 9.25
C ALA A 64 20.84 7.41 9.18
N ARG A 65 20.46 6.36 8.48
CA ARG A 65 21.35 5.23 8.28
C ARG A 65 21.55 5.03 6.79
N ILE A 66 22.66 4.37 6.44
CA ILE A 66 23.04 4.14 5.06
C ILE A 66 23.54 2.71 4.93
N ARG A 67 23.17 2.06 3.83
CA ARG A 67 23.70 0.75 3.49
C ARG A 67 24.03 0.70 2.00
N GLY A 68 25.12 0.03 1.65
CA GLY A 68 25.47 -0.14 0.26
C GLY A 68 26.69 -1.01 0.07
N LYS A 69 27.00 -1.29 -1.19
CA LYS A 69 28.18 -2.08 -1.54
C LYS A 69 29.29 -1.17 -1.98
N VAL A 70 30.47 -1.37 -1.41
CA VAL A 70 31.64 -0.59 -1.78
C VAL A 70 32.09 -0.94 -3.20
N PHE A 71 32.38 0.09 -3.99
CA PHE A 71 32.98 -0.11 -5.29
C PHE A 71 34.12 0.88 -5.43
N SER A 72 35.06 0.57 -6.32
CA SER A 72 36.18 1.47 -6.58
C SER A 72 36.12 2.04 -8.00
N THR A 73 36.64 3.26 -8.13
CA THR A 73 36.85 3.87 -9.44
C THR A 73 38.34 4.13 -9.66
N ALA A 74 38.69 4.71 -10.81
CA ALA A 74 40.07 5.12 -11.06
C ALA A 74 40.49 6.21 -10.08
N SER A 75 39.50 6.99 -9.63
CA SER A 75 39.79 8.12 -8.75
C SER A 75 39.56 7.82 -7.27
N GLY A 76 38.72 6.84 -6.96
CA GLY A 76 38.40 6.59 -5.57
C GLY A 76 37.36 5.51 -5.27
N LYS A 77 36.53 5.75 -4.27
CA LYS A 77 35.56 4.74 -3.86
C LYS A 77 34.16 5.32 -3.71
N GLY A 78 33.17 4.44 -3.76
CA GLY A 78 31.81 4.84 -3.48
C GLY A 78 30.96 3.71 -2.92
N LEU A 79 29.72 4.02 -2.58
CA LEU A 79 28.75 3.00 -2.22
C LEU A 79 27.66 2.94 -3.26
N ASN A 80 27.39 1.75 -3.79
CA ASN A 80 26.16 1.54 -4.54
C ASN A 80 25.09 1.19 -3.52
N LEU A 81 24.18 2.14 -3.30
CA LEU A 81 23.24 2.06 -2.20
C LEU A 81 22.23 0.93 -2.37
N THR A 82 21.85 0.34 -1.24
CA THR A 82 20.68 -0.53 -1.17
C THR A 82 19.75 0.02 -0.09
N GLU A 83 18.58 -0.59 0.06
CA GLU A 83 17.75 -0.26 1.21
C GLU A 83 18.47 -0.81 2.44
N LEU A 84 18.05 -0.38 3.61
CA LEU A 84 18.75 -0.76 4.84
C LEU A 84 18.69 -2.27 5.13
N ASP A 85 17.75 -2.97 4.52
CA ASP A 85 17.68 -4.42 4.71
C ASP A 85 18.50 -5.18 3.67
N GLY A 86 19.21 -4.44 2.84
CA GLY A 86 20.07 -5.05 1.84
C GLY A 86 19.40 -5.27 0.49
N THR A 87 18.09 -5.08 0.42
CA THR A 87 17.35 -5.29 -0.84
C THR A 87 17.65 -4.13 -1.79
N PRO A 88 17.52 -4.35 -3.11
CA PRO A 88 17.95 -3.32 -4.06
C PRO A 88 17.24 -1.99 -3.93
N TYR A 89 18.00 -0.92 -4.12
CA TYR A 89 17.40 0.40 -4.18
C TYR A 89 17.06 0.70 -5.63
N HIS A 90 15.79 1.01 -5.86
CA HIS A 90 15.32 1.35 -7.20
C HIS A 90 14.91 2.80 -7.27
N ALA A 91 15.59 3.58 -8.09
CA ALA A 91 15.18 4.97 -8.31
C ALA A 91 13.77 4.96 -8.90
N PHE A 92 12.80 5.42 -8.11
CA PHE A 92 11.42 5.42 -8.55
C PHE A 92 10.75 6.69 -8.06
N GLU A 93 10.17 6.64 -6.88
CA GLU A 93 9.43 7.78 -6.38
C GLU A 93 9.89 8.23 -5.01
N SER A 94 11.18 8.01 -4.71
CA SER A 94 11.75 8.49 -3.45
C SER A 94 13.08 9.20 -3.71
N PRO A 95 13.44 10.17 -2.84
CA PRO A 95 14.69 10.90 -3.03
C PRO A 95 15.93 10.05 -2.85
N ALA A 96 15.82 8.96 -2.08
CA ALA A 96 16.95 8.12 -1.71
C ALA A 96 16.40 6.87 -1.01
N PRO A 97 17.28 5.92 -0.60
CA PRO A 97 16.74 4.80 0.16
C PRO A 97 16.04 5.26 1.44
N LEU A 98 15.07 4.50 1.92
CA LEU A 98 14.39 4.89 3.14
C LEU A 98 15.37 5.00 4.30
N GLY A 99 15.21 6.05 5.10
CA GLY A 99 16.08 6.33 6.23
C GLY A 99 17.35 7.12 5.93
N PHE A 100 17.65 7.32 4.64
CA PHE A 100 18.87 8.03 4.25
C PHE A 100 18.88 9.41 4.90
N PRO A 101 20.05 9.85 5.41
CA PRO A 101 20.09 11.15 6.08
C PRO A 101 19.64 12.32 5.19
N ASP A 102 19.06 13.34 5.82
CA ASP A 102 18.56 14.52 5.10
C ASP A 102 19.13 15.83 5.66
N ILE A 103 20.35 15.75 6.22
CA ILE A 103 21.02 16.93 6.75
C ILE A 103 21.83 17.55 5.61
N GLY A 104 21.34 18.64 5.05
CA GLY A 104 21.89 19.11 3.80
C GLY A 104 23.13 19.97 3.91
N ALA A 105 23.86 20.07 2.79
CA ALA A 105 24.92 21.07 2.64
C ALA A 105 26.03 20.97 3.70
N CYS A 106 26.50 19.76 3.97
CA CYS A 106 27.60 19.55 4.89
C CYS A 106 28.27 18.22 4.59
N ASP A 107 29.47 18.02 5.14
CA ASP A 107 30.10 16.71 5.13
C ASP A 107 29.43 15.78 6.14
N TRP A 108 29.26 14.52 5.77
CA TRP A 108 28.76 13.52 6.70
C TRP A 108 29.87 12.58 7.10
N HIS A 109 29.78 12.04 8.31
CA HIS A 109 30.72 11.03 8.76
C HIS A 109 29.89 9.88 9.30
N VAL A 110 29.95 8.75 8.58
CA VAL A 110 29.01 7.66 8.76
C VAL A 110 29.80 6.43 9.19
N SER A 111 29.45 5.87 10.35
CA SER A 111 30.20 4.74 10.89
C SER A 111 29.51 3.46 10.45
N THR A 112 30.20 2.66 9.65
CA THR A 112 29.61 1.44 9.09
C THR A 112 30.38 0.17 9.48
N PHE A 113 29.73 -0.98 9.41
CA PHE A 113 30.41 -2.26 9.59
C PHE A 113 30.07 -3.14 8.40
N LYS A 114 30.91 -4.14 8.15
CA LYS A 114 30.67 -5.08 7.08
C LYS A 114 29.71 -6.14 7.59
N VAL A 115 28.59 -6.29 6.89
CA VAL A 115 27.60 -7.28 7.29
C VAL A 115 28.16 -8.64 6.91
N ASP A 116 28.48 -9.45 7.91
CA ASP A 116 29.12 -10.77 7.75
C ASP A 116 30.63 -10.72 7.46
N ASN A 118 32.47 -12.83 8.84
CA ASN A 118 33.36 -13.18 9.95
C ASN A 118 34.27 -12.02 10.29
N LEU A 119 33.98 -11.36 11.40
CA LEU A 119 34.68 -10.13 11.76
C LEU A 119 35.87 -10.37 12.66
N SER A 120 36.95 -9.64 12.39
CA SER A 120 38.15 -9.68 13.21
C SER A 120 38.79 -8.29 13.18
N GLY A 121 39.51 -7.91 14.23
CA GLY A 121 40.05 -6.57 14.28
C GLY A 121 38.95 -5.55 14.50
N ASP A 122 39.27 -4.28 14.29
CA ASP A 122 38.32 -3.18 14.36
C ASP A 122 37.36 -3.29 13.19
N PRO A 123 36.06 -3.52 13.47
CA PRO A 123 35.12 -3.73 12.36
C PRO A 123 34.57 -2.45 11.76
N MET A 124 34.84 -1.29 12.38
CA MET A 124 34.17 -0.07 11.94
C MET A 124 34.99 0.68 10.92
N SER A 125 34.28 1.27 9.97
CA SER A 125 34.86 2.22 9.03
C SER A 125 34.08 3.51 9.16
N ARG A 126 34.81 4.63 9.19
CA ARG A 126 34.14 5.93 9.12
C ARG A 126 34.18 6.41 7.68
N LEU A 127 33.01 6.50 7.06
CA LEU A 127 32.89 6.93 5.68
C LEU A 127 32.67 8.42 5.68
N ASP A 128 33.58 9.15 5.05
CA ASP A 128 33.47 10.60 5.01
C ASP A 128 32.86 10.99 3.66
N VAL A 129 31.70 11.63 3.72
CA VAL A 129 30.91 11.87 2.51
C VAL A 129 30.72 13.35 2.28
N LYS A 130 31.06 13.80 1.08
CA LYS A 130 30.85 15.19 0.71
C LYS A 130 29.61 15.34 -0.17
N GLN A 131 28.90 16.45 0.00
CA GLN A 131 27.72 16.68 -0.81
C GLN A 131 28.08 17.54 -2.01
N ASN A 132 28.98 17.00 -2.83
CA ASN A 132 29.37 17.62 -4.09
C ASN A 132 28.85 16.82 -5.30
N ALA A 133 29.47 16.97 -6.46
CA ALA A 133 28.94 16.36 -7.68
C ALA A 133 28.64 14.84 -7.63
N PRO A 134 29.57 14.01 -7.10
CA PRO A 134 29.27 12.57 -7.06
C PRO A 134 28.22 12.16 -6.01
N PHE A 135 27.73 13.12 -5.23
CA PHE A 135 26.66 12.85 -4.28
C PHE A 135 25.36 12.75 -5.08
N ALA A 136 25.01 11.52 -5.44
CA ALA A 136 23.83 11.28 -6.27
C ALA A 136 22.96 10.15 -5.70
N PRO A 137 22.48 10.33 -4.46
CA PRO A 137 21.74 9.26 -3.79
C PRO A 137 20.44 8.87 -4.50
N HIS A 138 19.80 9.81 -5.19
CA HIS A 138 18.55 9.48 -5.88
C HIS A 138 18.77 8.46 -7.00
N LEU A 139 19.89 8.59 -7.70
CA LEU A 139 20.25 7.60 -8.70
C LEU A 139 20.88 6.34 -8.10
N GLY A 140 21.32 6.43 -6.85
CA GLY A 140 21.69 5.24 -6.10
C GLY A 140 23.16 5.06 -5.76
N SER A 141 23.95 6.12 -5.83
CA SER A 141 25.33 6.01 -5.40
C SER A 141 25.87 7.28 -4.76
N ILE A 142 26.81 7.10 -3.83
CA ILE A 142 27.55 8.23 -3.30
C ILE A 142 29.02 7.87 -3.27
N GLU A 143 29.87 8.89 -3.31
CA GLU A 143 31.31 8.72 -3.14
C GLU A 143 31.67 8.95 -1.66
N PHE A 144 32.70 8.26 -1.17
CA PHE A 144 33.24 8.56 0.15
C PHE A 144 34.76 8.43 0.13
N THR A 145 35.40 9.00 1.16
CA THR A 145 36.79 8.67 1.47
C THR A 145 36.76 8.09 2.87
N SER A 146 37.79 7.34 3.22
CA SER A 146 37.86 6.75 4.57
C SER A 146 39.30 6.45 4.95
N ASP A 147 39.62 6.66 6.22
CA ASP A 147 40.94 6.30 6.73
C ASP A 147 41.04 4.79 6.99
N GLN A 148 39.89 4.11 6.93
CA GLN A 148 39.86 2.66 7.07
C GLN A 148 39.73 2.01 5.69
N ASP A 149 39.44 0.72 5.66
CA ASP A 149 39.43 -0.02 4.40
C ASP A 149 38.12 -0.80 4.20
N PRO A 150 36.99 -0.09 4.11
CA PRO A 150 35.71 -0.79 4.00
C PRO A 150 35.58 -1.51 2.67
N THR A 151 35.04 -2.73 2.71
CA THR A 151 34.73 -3.46 1.48
C THR A 151 33.37 -4.13 1.61
N GLY A 152 32.80 -4.54 0.49
CA GLY A 152 31.57 -5.31 0.51
C GLY A 152 30.37 -4.54 1.03
N ASP A 153 29.46 -5.27 1.67
CA ASP A 153 28.17 -4.76 2.13
C ASP A 153 28.36 -4.02 3.46
N GLN A 154 28.34 -2.68 3.39
CA GLN A 154 28.53 -1.84 4.57
C GLN A 154 27.22 -1.24 5.06
N LEU A 155 26.94 -1.36 6.35
CA LEU A 155 25.72 -0.81 6.94
C LEU A 155 26.10 0.08 8.10
N GLY A 156 25.48 1.25 8.20
CA GLY A 156 25.87 2.13 9.29
C GLY A 156 24.99 3.33 9.52
N THR A 157 25.47 4.21 10.40
CA THR A 157 24.65 5.27 10.95
C THR A 157 25.43 6.58 10.90
N LEU A 158 24.73 7.67 10.57
CA LEU A 158 25.34 8.98 10.65
C LEU A 158 25.86 9.26 12.07
N ALA A 159 27.16 9.53 12.17
CA ALA A 159 27.82 9.69 13.45
C ALA A 159 27.97 11.16 13.82
N TRP A 160 28.39 11.97 12.84
CA TRP A 160 28.52 13.42 13.04
C TRP A 160 28.59 14.14 11.70
N VAL A 161 28.48 15.46 11.73
CA VAL A 161 28.52 16.25 10.50
C VAL A 161 29.44 17.44 10.70
N SER A 162 29.99 17.94 9.60
CA SER A 162 30.93 19.05 9.65
C SER A 162 30.80 19.88 8.37
N PRO A 163 31.39 21.09 8.36
CA PRO A 163 31.20 21.96 7.19
C PRO A 163 31.78 21.42 5.89
N SER A 164 31.16 21.77 4.77
CA SER A 164 31.64 21.37 3.45
C SER A 164 33.02 21.95 3.14
N THR A 165 33.27 23.17 3.61
CA THR A 165 34.56 23.82 3.39
C THR A 165 35.06 24.38 4.70
N SER A 166 36.34 24.73 4.72
CA SER A 166 37.00 25.30 5.88
C SER A 166 36.25 26.48 6.48
N GLY A 167 35.91 27.48 5.67
CA GLY A 167 35.30 28.67 6.26
C GLY A 167 33.88 28.53 6.79
N ALA A 168 33.24 27.42 6.41
CA ALA A 168 31.79 27.30 6.39
C ALA A 168 31.12 26.88 7.69
N ARG A 169 29.79 26.97 7.74
CA ARG A 169 29.05 26.46 8.88
C ARG A 169 28.15 25.31 8.43
N VAL A 170 27.67 24.53 9.40
CA VAL A 170 26.63 23.54 9.12
C VAL A 170 25.30 24.11 9.54
N ASP A 171 24.33 24.08 8.62
CA ASP A 171 22.97 24.48 8.90
C ASP A 171 22.07 23.24 8.79
N PRO A 172 21.69 22.65 9.94
CA PRO A 172 20.93 21.40 9.88
C PRO A 172 19.47 21.62 9.47
N TRP A 173 19.08 22.85 9.19
CA TRP A 173 17.73 23.13 8.71
C TRP A 173 17.63 22.96 7.19
N LYS A 174 18.76 22.74 6.53
CA LYS A 174 18.79 22.48 5.09
C LYS A 174 18.67 20.98 4.78
N ILE A 175 18.23 20.67 3.56
CA ILE A 175 18.20 19.30 3.07
C ILE A 175 19.16 19.14 1.89
N PRO A 176 19.54 17.88 1.58
CA PRO A 176 20.48 17.68 0.47
C PRO A 176 19.84 17.95 -0.88
N SER A 177 20.70 18.06 -1.89
CA SER A 177 20.28 17.99 -3.27
C SER A 177 20.54 16.55 -3.69
N TYR A 178 19.48 15.79 -3.90
CA TYR A 178 19.60 14.35 -4.07
C TYR A 178 19.96 13.92 -5.49
N GLY A 179 19.82 14.84 -6.44
CA GLY A 179 19.94 14.49 -7.84
C GLY A 179 21.33 14.73 -8.41
N GLU A 184 17.03 17.06 -12.69
CA GLU A 184 16.72 15.76 -12.13
C GLU A 184 15.61 15.87 -11.08
N SER A 185 14.57 15.08 -11.25
CA SER A 185 13.40 15.14 -10.38
C SER A 185 13.55 14.10 -9.28
N THR A 186 13.54 14.54 -8.02
CA THR A 186 13.87 13.63 -6.93
C THR A 186 12.70 13.27 -6.03
N HIS A 187 11.49 13.70 -6.40
CA HIS A 187 10.26 13.30 -5.70
C HIS A 187 10.27 13.66 -4.22
N LEU A 188 10.64 14.90 -3.94
CA LEU A 188 10.77 15.37 -2.57
C LEU A 188 9.41 15.48 -1.88
N ALA A 189 9.37 15.15 -0.59
CA ALA A 189 8.25 15.57 0.25
C ALA A 189 8.15 17.09 0.14
N PRO A 190 6.92 17.61 0.08
CA PRO A 190 6.73 19.03 -0.22
C PRO A 190 7.17 19.95 0.93
N PRO A 191 7.36 21.24 0.64
CA PRO A 191 7.70 22.17 1.72
C PRO A 191 6.58 22.27 2.75
N ILE A 192 6.95 22.66 3.96
CA ILE A 192 5.97 22.92 5.02
C ILE A 192 6.00 24.41 5.32
N PHE A 193 4.88 25.08 5.05
CA PHE A 193 4.71 26.50 5.35
C PHE A 193 4.01 26.66 6.67
N PRO A 194 4.44 27.65 7.47
CA PRO A 194 3.64 28.04 8.63
C PRO A 194 2.26 28.38 8.09
N PRO A 195 1.21 27.81 8.70
CA PRO A 195 -0.12 27.78 8.09
C PRO A 195 -1.06 28.94 8.38
N GLY A 196 -0.55 30.05 8.92
CA GLY A 196 -1.38 31.22 9.14
C GLY A 196 -1.93 31.32 10.56
N PHE A 197 -2.83 32.28 10.79
CA PHE A 197 -3.47 32.44 12.08
C PHE A 197 -2.47 32.56 13.22
N GLY A 198 -1.36 33.24 12.97
CA GLY A 198 -0.36 33.48 13.99
C GLY A 198 0.40 32.24 14.39
N GLU A 199 0.19 31.15 13.65
CA GLU A 199 0.79 29.87 14.02
C GLU A 199 2.25 29.75 13.59
N ALA A 200 3.02 29.05 14.41
CA ALA A 200 4.40 28.72 14.09
C ALA A 200 4.59 27.22 14.16
N ILE A 201 5.39 26.69 13.24
CA ILE A 201 5.72 25.27 13.24
C ILE A 201 6.49 24.91 14.50
N VAL A 202 6.11 23.81 15.13
CA VAL A 202 6.81 23.30 16.31
C VAL A 202 7.92 22.37 15.86
N TYR A 203 9.14 22.65 16.32
CA TYR A 203 10.29 21.84 15.98
C TYR A 203 10.75 21.09 17.21
N PHE A 204 10.99 19.80 17.03
CA PHE A 204 11.48 18.95 18.09
C PHE A 204 12.99 18.80 17.96
N MET A 205 13.71 19.18 19.00
CA MET A 205 15.17 19.29 18.95
C MET A 205 15.86 18.16 19.68
N SER A 206 17.01 17.75 19.14
CA SER A 206 17.88 16.81 19.82
C SER A 206 19.32 17.30 19.80
N ASP A 207 20.04 17.04 20.88
CA ASP A 207 21.50 17.21 20.88
C ASP A 207 22.12 16.24 19.86
N PHE A 208 23.07 16.72 19.07
CA PHE A 208 23.75 15.84 18.11
C PHE A 208 25.09 16.48 17.76
N PRO A 209 26.12 15.67 17.47
CA PRO A 209 27.43 16.27 17.18
C PRO A 209 27.49 16.97 15.82
N ILE A 210 27.13 18.25 15.83
CA ILE A 210 27.30 19.11 14.68
C ILE A 210 28.54 19.93 14.91
N VAL A 211 29.55 19.72 14.08
CA VAL A 211 30.75 20.52 14.18
C VAL A 211 30.56 21.79 13.37
N SER A 212 30.76 22.93 14.02
CA SER A 212 30.59 24.24 13.41
C SER A 212 29.15 24.50 13.00
N GLY A 213 28.21 24.07 13.83
CA GLY A 213 26.84 24.53 13.71
C GLY A 213 26.66 25.67 14.71
N ASN A 214 25.61 26.46 14.56
CA ASN A 214 25.36 27.52 15.53
C ASN A 214 25.04 26.93 16.91
N THR A 215 24.41 25.77 16.90
CA THR A 215 24.25 24.96 18.10
C THR A 215 24.39 23.52 17.67
N ALA A 216 24.62 22.62 18.63
CA ALA A 216 24.77 21.22 18.33
C ALA A 216 23.41 20.53 18.51
N GLN A 217 22.44 20.96 17.71
CA GLN A 217 21.06 20.48 17.80
C GLN A 217 20.48 20.28 16.42
N VAL A 218 19.66 19.25 16.27
CA VAL A 218 18.99 18.99 15.01
C VAL A 218 17.48 19.08 15.23
N PRO A 219 16.77 19.86 14.40
CA PRO A 219 15.31 19.96 14.48
C PRO A 219 14.63 18.89 13.63
N CYS A 220 13.45 18.46 14.05
CA CYS A 220 12.57 17.68 13.19
C CYS A 220 11.11 18.12 13.39
N THR A 221 10.22 17.70 12.52
CA THR A 221 8.86 18.19 12.57
C THR A 221 7.83 17.18 13.11
N LEU A 222 8.21 15.91 13.19
CA LEU A 222 7.42 14.91 13.91
C LEU A 222 8.36 14.00 14.69
N PRO A 223 8.04 13.73 15.96
CA PRO A 223 8.80 12.70 16.68
C PRO A 223 8.66 11.38 15.93
N GLN A 224 9.70 10.55 15.92
CA GLN A 224 9.64 9.32 15.13
C GLN A 224 8.48 8.39 15.57
N GLU A 225 8.22 8.30 16.86
CA GLU A 225 7.13 7.45 17.32
C GLU A 225 5.74 7.94 16.88
N PHE A 226 5.62 9.24 16.58
CA PHE A 226 4.39 9.77 15.97
C PHE A 226 4.25 9.21 14.56
N VAL A 227 5.35 9.19 13.81
CA VAL A 227 5.34 8.63 12.45
C VAL A 227 4.89 7.17 12.47
N SER A 228 5.49 6.36 13.32
CA SER A 228 5.13 4.93 13.31
C SER A 228 3.70 4.74 13.81
N HIS A 229 3.27 5.60 14.73
CA HIS A 229 1.90 5.57 15.24
C HIS A 229 0.89 5.80 14.11
N PHE A 230 1.14 6.80 13.28
CA PHE A 230 0.22 7.09 12.17
C PHE A 230 0.23 5.97 11.14
N VAL A 231 1.40 5.40 10.87
CA VAL A 231 1.51 4.29 9.93
C VAL A 231 0.72 3.08 10.41
N GLU A 232 0.79 2.81 11.70
CA GLU A 232 0.09 1.66 12.25
C GLU A 232 -1.39 1.85 12.25
N GLN A 233 -1.81 3.06 12.60
CA GLN A 233 -3.20 3.32 12.89
C GLN A 233 -4.01 3.42 11.61
N GLN A 234 -3.43 4.03 10.57
CA GLN A 234 -4.11 4.20 9.30
C GLN A 234 -5.48 4.82 9.55
N ALA A 235 -5.52 5.86 10.38
CA ALA A 235 -6.79 6.48 10.75
C ALA A 235 -7.28 7.43 9.66
N PRO A 236 -8.60 7.52 9.50
CA PRO A 236 -9.15 8.48 8.54
C PRO A 236 -9.04 9.90 9.09
N VAL A 237 -8.76 10.86 8.21
CA VAL A 237 -8.77 12.26 8.60
C VAL A 237 -10.21 12.75 8.60
N ARG A 238 -10.67 13.27 9.73
CA ARG A 238 -12.08 13.65 9.88
C ARG A 238 -12.28 15.15 10.08
N GLY A 239 -11.23 15.93 9.84
CA GLY A 239 -11.34 17.38 9.92
C GLY A 239 -10.13 18.03 9.30
N GLU A 240 -10.12 19.35 9.28
CA GLU A 240 -9.02 20.08 8.67
C GLU A 240 -7.76 20.16 9.55
N ALA A 241 -7.94 19.96 10.85
CA ALA A 241 -6.81 19.93 11.77
C ALA A 241 -7.23 19.18 13.02
N ALA A 242 -6.28 18.55 13.69
CA ALA A 242 -6.53 17.88 14.95
C ALA A 242 -6.02 18.76 16.09
N LEU A 243 -6.92 19.16 16.98
CA LEU A 243 -6.53 19.91 18.16
C LEU A 243 -5.94 18.96 19.20
N LEU A 244 -4.72 19.26 19.65
CA LEU A 244 -4.05 18.48 20.68
C LEU A 244 -3.88 19.33 21.93
N HIS A 245 -3.88 18.68 23.08
CA HIS A 245 -3.44 19.29 24.32
C HIS A 245 -2.10 18.68 24.73
N TYR A 246 -1.21 19.51 25.25
CA TYR A 246 0.04 19.04 25.82
C TYR A 246 -0.16 18.98 27.33
N VAL A 247 -0.18 17.78 27.89
CA VAL A 247 -0.70 17.58 29.24
C VAL A 247 0.36 17.08 30.21
N ASP A 248 0.35 17.61 31.43
CA ASP A 248 1.18 17.08 32.51
C ASP A 248 0.63 15.73 32.94
N PRO A 249 1.43 14.66 32.83
CA PRO A 249 0.94 13.30 33.11
C PRO A 249 0.67 13.02 34.59
N ASP A 250 1.16 13.89 35.48
CA ASP A 250 0.93 13.71 36.91
C ASP A 250 -0.29 14.46 37.42
N THR A 251 -0.51 15.66 36.89
CA THR A 251 -1.61 16.50 37.36
C THR A 251 -2.78 16.47 36.39
N HIS A 252 -2.50 16.00 35.17
CA HIS A 252 -3.48 15.89 34.09
C HIS A 252 -3.96 17.23 33.58
N ARG A 253 -3.26 18.30 33.92
CA ARG A 253 -3.68 19.58 33.43
C ARG A 253 -3.10 19.95 32.07
N ASN A 254 -3.91 20.66 31.31
CA ASN A 254 -3.54 21.09 29.98
C ASN A 254 -2.54 22.24 30.05
N LEU A 255 -1.37 22.03 29.47
CA LEU A 255 -0.32 23.05 29.46
C LEU A 255 -0.33 23.91 28.19
N GLY A 256 -1.09 23.50 27.18
CA GLY A 256 -1.14 24.27 25.95
C GLY A 256 -1.82 23.58 24.78
N GLU A 257 -2.41 24.39 23.90
CA GLU A 257 -3.10 23.91 22.71
C GLU A 257 -2.18 23.87 21.50
N PHE A 258 -2.27 22.80 20.71
CA PHE A 258 -1.47 22.65 19.50
C PHE A 258 -2.38 22.13 18.38
N LYS A 259 -2.04 22.41 17.13
CA LYS A 259 -2.79 21.88 16.01
C LYS A 259 -1.92 20.90 15.24
N LEU A 260 -2.50 19.75 14.93
CA LEU A 260 -1.83 18.71 14.16
C LEU A 260 -2.48 18.65 12.79
N TYR A 261 -1.70 18.95 11.74
CA TYR A 261 -2.28 19.10 10.40
C TYR A 261 -2.19 17.79 9.63
N PRO A 262 -3.19 17.53 8.76
CA PRO A 262 -3.27 16.31 7.94
C PRO A 262 -1.97 16.00 7.20
N ASP A 263 -1.25 17.04 6.76
CA ASP A 263 -0.02 16.84 6.00
C ASP A 263 1.13 16.37 6.88
N GLY A 264 0.92 16.40 8.20
CA GLY A 264 1.85 15.79 9.14
C GLY A 264 2.86 16.74 9.77
N PHE A 265 2.36 17.76 10.46
CA PHE A 265 3.22 18.65 11.25
C PHE A 265 2.38 19.29 12.34
N ILE A 266 3.05 19.91 13.31
CA ILE A 266 2.38 20.47 14.48
C ILE A 266 2.68 21.95 14.62
N THR A 267 1.69 22.73 15.04
CA THR A 267 1.89 24.16 15.24
C THR A 267 1.37 24.60 16.60
N CYS A 268 1.78 25.80 16.98
CA CYS A 268 1.23 26.47 18.14
C CYS A 268 1.23 27.96 17.82
N VAL A 269 0.61 28.76 18.69
CA VAL A 269 0.80 30.21 18.62
C VAL A 269 1.72 30.56 19.78
N PRO A 270 2.96 30.95 19.47
CA PRO A 270 3.91 31.27 20.54
C PRO A 270 3.65 32.66 21.08
N ASN A 271 3.76 32.82 22.39
CA ASN A 271 3.73 34.15 22.99
C ASN A 271 4.94 34.91 22.49
N THR A 272 4.83 36.23 22.38
CA THR A 272 5.92 37.04 21.85
C THR A 272 7.16 36.84 22.70
N GLY A 273 8.30 36.59 22.05
CA GLY A 273 9.55 36.36 22.74
C GLY A 273 9.66 34.99 23.40
N GLY A 274 8.63 34.17 23.24
CA GLY A 274 8.61 32.87 23.87
C GLY A 274 8.10 31.78 22.95
N GLY A 275 7.43 30.79 23.52
CA GLY A 275 6.93 29.67 22.75
C GLY A 275 7.09 28.37 23.51
N PRO A 276 6.94 27.25 22.80
CA PRO A 276 6.92 25.94 23.47
C PRO A 276 8.27 25.56 24.09
N GLN A 277 9.31 26.31 23.76
CA GLN A 277 10.63 26.13 24.37
C GLN A 277 10.58 26.43 25.86
N ASN A 278 9.55 27.17 26.29
CA ASN A 278 9.38 27.49 27.70
C ASN A 278 8.48 26.50 28.47
N LEU A 279 7.99 25.47 27.78
CA LEU A 279 7.16 24.46 28.41
C LEU A 279 8.02 23.37 29.04
N PRO A 280 7.49 22.69 30.08
CA PRO A 280 8.14 21.51 30.64
C PRO A 280 8.33 20.47 29.54
N THR A 281 9.34 19.63 29.71
CA THR A 281 9.68 18.65 28.69
C THR A 281 9.19 17.23 29.04
N ASN A 282 8.29 17.14 30.01
CA ASN A 282 7.79 15.83 30.45
C ASN A 282 6.30 15.65 30.16
N GLY A 283 5.75 16.55 29.35
CA GLY A 283 4.34 16.49 28.97
C GLY A 283 4.02 15.46 27.89
N VAL A 284 2.74 15.12 27.79
CA VAL A 284 2.26 14.16 26.80
C VAL A 284 1.23 14.83 25.90
N PHE A 285 1.35 14.66 24.58
CA PHE A 285 0.34 15.17 23.66
C PHE A 285 -0.86 14.23 23.68
N VAL A 286 -2.06 14.82 23.71
CA VAL A 286 -3.29 14.04 23.69
C VAL A 286 -4.25 14.65 22.67
N PHE A 287 -4.83 13.81 21.81
CA PHE A 287 -5.83 14.26 20.85
C PHE A 287 -7.07 14.75 21.59
N SER A 288 -7.55 15.95 21.22
CA SER A 288 -8.75 16.51 21.85
C SER A 288 -9.98 16.42 20.93
N SER A 289 -9.87 17.03 19.74
CA SER A 289 -10.98 16.99 18.77
C SER A 289 -10.52 17.44 17.40
N TRP A 290 -11.34 17.14 16.40
CA TRP A 290 -11.13 17.71 15.07
C TRP A 290 -11.66 19.14 15.05
N VAL A 291 -10.90 20.05 14.46
CA VAL A 291 -11.27 21.46 14.41
C VAL A 291 -11.08 22.02 13.01
N SER A 292 -11.71 23.17 12.76
CA SER A 292 -11.56 23.83 11.48
C SER A 292 -10.13 24.29 11.29
N ARG A 293 -9.75 24.46 10.03
CA ARG A 293 -8.47 25.01 9.65
C ARG A 293 -8.25 26.38 10.31
N TYR A 294 -9.34 27.10 10.53
CA TYR A 294 -9.26 28.47 11.06
C TYR A 294 -9.30 28.54 12.59
N TYR A 295 -9.32 27.39 13.26
CA TYR A 295 -9.39 27.38 14.72
C TYR A 295 -8.21 28.16 15.28
N GLN A 296 -8.51 29.15 16.11
CA GLN A 296 -7.49 30.05 16.64
C GLN A 296 -6.96 29.56 17.99
N LEU A 297 -5.69 29.22 18.05
CA LEU A 297 -5.10 28.66 19.26
C LEU A 297 -4.81 29.71 20.32
N LYS A 298 -4.95 29.31 21.57
CA LYS A 298 -4.47 30.10 22.71
C LYS A 298 -2.95 30.05 22.72
N PRO A 299 -2.31 31.23 22.86
CA PRO A 299 -0.84 31.30 22.84
C PRO A 299 -0.17 30.50 23.95
N VAL A 300 1.03 30.01 23.67
CA VAL A 300 1.76 29.21 24.64
C VAL A 300 3.16 29.75 24.96
N LEU B 7 -6.24 -4.92 23.78
CA LEU B 7 -4.83 -5.11 23.45
C LEU B 7 -4.62 -5.27 21.95
N THR B 8 -3.64 -4.57 21.42
CA THR B 8 -3.17 -4.76 20.07
C THR B 8 -1.65 -4.91 20.16
N VAL B 9 -1.03 -5.38 19.08
CA VAL B 9 0.42 -5.36 18.94
C VAL B 9 0.70 -4.48 17.73
N PRO B 10 1.95 -4.02 17.58
CA PRO B 10 2.26 -3.11 16.48
C PRO B 10 1.87 -3.64 15.11
N ASN B 11 1.12 -2.84 14.36
CA ASN B 11 0.79 -3.11 12.98
C ASN B 11 1.95 -2.66 12.09
N ILE B 12 3.07 -3.35 12.24
CA ILE B 12 4.32 -3.01 11.55
C ILE B 12 4.99 -4.32 11.16
N PRO B 13 5.45 -4.45 9.90
CA PRO B 13 6.11 -5.69 9.50
C PRO B 13 7.39 -5.92 10.29
N LEU B 14 7.74 -7.20 10.45
CA LEU B 14 8.85 -7.55 11.35
C LEU B 14 10.16 -6.85 10.97
N ASN B 15 10.41 -6.72 9.68
CA ASN B 15 11.64 -6.09 9.20
C ASN B 15 11.68 -4.57 9.37
N ASN B 16 10.55 -3.98 9.77
CA ASN B 16 10.52 -2.56 10.14
C ASN B 16 10.48 -2.38 11.67
N LEU B 17 10.78 -3.45 12.41
CA LEU B 17 10.86 -3.38 13.87
C LEU B 17 12.31 -3.36 14.35
N ALA B 18 12.55 -2.64 15.45
CA ALA B 18 13.91 -2.50 15.96
C ALA B 18 14.25 -3.55 17.00
N ASN B 19 15.52 -3.94 17.04
CA ASN B 19 16.03 -4.74 18.16
C ASN B 19 15.98 -3.91 19.44
N SER B 20 15.71 -4.58 20.55
CA SER B 20 15.60 -3.91 21.86
C SER B 20 16.86 -4.03 22.73
N ARG B 21 17.89 -4.70 22.20
CA ARG B 21 19.16 -4.86 22.92
C ARG B 21 20.35 -4.20 22.23
N VAL B 22 20.23 -3.94 20.92
CA VAL B 22 21.23 -3.18 20.18
C VAL B 22 20.51 -2.28 19.17
N PRO B 23 21.14 -1.16 18.77
CA PRO B 23 20.49 -0.25 17.82
C PRO B 23 20.56 -0.80 16.40
N ALA B 24 19.59 -1.63 16.03
CA ALA B 24 19.62 -2.32 14.76
C ALA B 24 18.21 -2.76 14.45
N MET B 25 17.93 -3.09 13.20
CA MET B 25 16.62 -3.57 12.80
C MET B 25 16.57 -5.10 12.92
N ILE B 26 15.39 -5.64 13.16
CA ILE B 26 15.26 -7.10 13.19
C ILE B 26 15.30 -7.66 11.78
N ASN B 27 16.02 -8.75 11.61
CA ASN B 27 16.01 -9.32 10.28
C ASN B 27 15.55 -10.76 10.19
N LYS B 28 15.40 -11.43 11.33
CA LYS B 28 14.74 -12.71 11.34
C LYS B 28 14.33 -13.12 12.74
N MET B 29 13.50 -14.16 12.82
CA MET B 29 13.14 -14.82 14.08
C MET B 29 13.84 -16.16 14.14
N THR B 30 14.05 -16.68 15.34
CA THR B 30 14.55 -18.04 15.47
C THR B 30 14.20 -18.61 16.84
N VAL B 31 14.37 -19.91 16.99
CA VAL B 31 14.29 -20.51 18.32
C VAL B 31 15.70 -20.91 18.71
N SER B 32 15.95 -21.09 20.01
CA SER B 32 17.29 -21.46 20.46
C SER B 32 17.62 -22.91 20.10
N THR B 33 18.88 -23.18 19.83
CA THR B 33 19.33 -24.54 19.50
C THR B 33 18.96 -25.53 20.61
N ASP B 34 19.15 -25.10 21.86
CA ASP B 34 18.60 -25.81 23.00
C ASP B 34 17.30 -25.10 23.39
N GLN B 35 16.16 -25.74 23.17
CA GLN B 35 14.88 -25.05 23.37
C GLN B 35 14.50 -24.92 24.84
N ASN B 36 15.27 -25.58 25.72
CA ASN B 36 15.13 -25.36 27.15
C ASN B 36 16.04 -24.25 27.70
N GLN B 37 16.80 -23.58 26.83
CA GLN B 37 17.72 -22.53 27.25
C GLN B 37 16.98 -21.38 27.91
N VAL B 38 17.45 -20.98 29.09
CA VAL B 38 16.88 -19.85 29.82
C VAL B 38 17.69 -18.58 29.60
N VAL B 39 17.01 -17.47 29.30
CA VAL B 39 17.69 -16.19 29.14
C VAL B 39 17.22 -15.21 30.22
N GLN B 40 17.94 -14.12 30.40
CA GLN B 40 17.56 -13.13 31.40
C GLN B 40 17.96 -11.74 30.95
N PHE B 41 17.65 -11.46 29.68
CA PHE B 41 17.93 -10.16 29.11
C PHE B 41 17.34 -9.05 29.99
N GLN B 42 18.06 -7.94 30.10
CA GLN B 42 17.61 -6.81 30.92
C GLN B 42 16.98 -5.68 30.10
N ASN B 43 17.30 -5.65 28.81
CA ASN B 43 16.60 -4.78 27.88
C ASN B 43 15.59 -5.56 27.05
N GLY B 44 14.67 -4.84 26.43
CA GLY B 44 13.55 -5.49 25.75
C GLY B 44 12.58 -6.21 26.67
N ARG B 45 12.52 -5.80 27.94
CA ARG B 45 11.67 -6.44 28.93
C ARG B 45 10.54 -5.50 29.36
N CYS B 46 9.30 -5.96 29.20
CA CYS B 46 8.14 -5.15 29.54
C CYS B 46 6.95 -6.09 29.64
N THR B 47 6.12 -5.93 30.66
CA THR B 47 4.89 -6.73 30.77
C THR B 47 3.83 -6.24 29.77
N LEU B 48 2.83 -7.09 29.49
CA LEU B 48 1.77 -6.71 28.56
C LEU B 48 0.98 -5.50 29.03
N GLU B 49 0.89 -5.30 30.34
CA GLU B 49 0.20 -4.14 30.91
C GLU B 49 0.98 -2.85 30.77
N GLY B 50 2.23 -2.95 30.32
CA GLY B 50 3.06 -1.77 30.13
C GLY B 50 4.06 -1.43 31.22
N GLN B 51 4.43 -2.41 32.04
CA GLN B 51 5.44 -2.17 33.07
C GLN B 51 6.83 -2.53 32.57
N LEU B 52 7.69 -1.53 32.41
CA LEU B 52 9.09 -1.76 32.06
C LEU B 52 9.82 -2.56 33.12
N LEU B 53 10.68 -3.48 32.69
CA LEU B 53 11.46 -4.31 33.61
C LEU B 53 12.95 -4.13 33.31
N GLY B 54 13.79 -4.34 34.31
CA GLY B 54 15.22 -4.25 34.08
C GLY B 54 15.64 -2.85 33.71
N THR B 55 16.49 -2.72 32.71
CA THR B 55 16.97 -1.40 32.27
C THR B 55 16.22 -0.90 31.04
N THR B 56 15.18 -1.63 30.64
CA THR B 56 14.48 -1.36 29.39
C THR B 56 13.93 0.06 29.31
N PRO B 57 14.30 0.80 28.24
CA PRO B 57 13.75 2.13 28.02
C PRO B 57 12.58 2.06 27.06
N VAL B 58 11.98 3.20 26.75
CA VAL B 58 10.79 3.24 25.90
C VAL B 58 11.10 3.31 24.40
N SER B 59 12.09 4.12 24.02
CA SER B 59 12.39 4.37 22.61
C SER B 59 13.54 3.52 22.08
N ALA B 60 13.45 3.14 20.81
CA ALA B 60 14.57 2.49 20.13
C ALA B 60 15.83 3.34 20.18
N SER B 61 15.68 4.66 20.31
CA SER B 61 16.87 5.52 20.35
C SER B 61 17.46 5.72 21.75
N GLN B 62 16.99 4.91 22.70
CA GLN B 62 17.59 4.82 24.03
C GLN B 62 18.30 3.47 24.22
N VAL B 63 18.19 2.58 23.24
CA VAL B 63 18.68 1.22 23.42
C VAL B 63 20.20 1.08 23.32
N ALA B 64 20.82 0.52 24.37
CA ALA B 64 22.28 0.29 24.40
C ALA B 64 23.07 1.59 24.26
N ARG B 65 22.68 2.58 25.04
CA ARG B 65 23.36 3.86 25.08
C ARG B 65 23.89 4.12 26.48
N ILE B 66 24.93 4.96 26.56
CA ILE B 66 25.57 5.30 27.83
C ILE B 66 25.81 6.80 27.88
N ARG B 67 25.60 7.39 29.05
CA ARG B 67 25.95 8.79 29.26
C ARG B 67 26.61 8.93 30.63
N GLY B 68 27.63 9.76 30.74
CA GLY B 68 28.29 9.95 32.03
C GLY B 68 29.32 11.06 31.98
N LYS B 69 29.88 11.41 33.14
CA LYS B 69 30.90 12.45 33.22
C LYS B 69 32.25 11.80 33.43
N VAL B 70 33.24 12.20 32.63
CA VAL B 70 34.56 11.60 32.72
C VAL B 70 35.23 12.00 34.03
N PHE B 71 35.83 11.04 34.72
CA PHE B 71 36.58 11.34 35.93
C PHE B 71 37.89 10.56 35.94
N SER B 72 38.81 10.93 36.83
CA SER B 72 40.11 10.27 36.88
C SER B 72 40.09 9.07 37.80
N THR B 73 40.55 7.93 37.29
CA THR B 73 40.72 6.71 38.07
C THR B 73 42.20 6.45 38.31
N ALA B 74 42.51 5.38 39.02
CA ALA B 74 43.89 5.02 39.32
C ALA B 74 44.75 4.79 38.06
N SER B 75 44.13 4.26 37.01
CA SER B 75 44.89 3.90 35.82
C SER B 75 44.63 4.81 34.64
N GLY B 76 43.57 5.60 34.74
CA GLY B 76 43.21 6.45 33.64
C GLY B 76 41.92 7.15 33.94
N LYS B 77 40.96 6.86 33.09
CA LYS B 77 39.67 7.53 33.11
C LYS B 77 38.50 6.55 33.33
N GLY B 78 37.39 7.10 33.81
CA GLY B 78 36.16 6.34 33.94
C GLY B 78 34.97 7.26 33.70
N LEU B 79 33.77 6.69 33.69
CA LEU B 79 32.55 7.50 33.63
C LEU B 79 31.72 7.38 34.88
N ASN B 80 31.34 8.52 35.41
CA ASN B 80 30.35 8.59 36.47
C ASN B 80 29.02 8.73 35.76
N LEU B 81 28.24 7.66 35.75
CA LEU B 81 27.06 7.56 34.89
C LEU B 81 25.91 8.49 35.27
N THR B 82 25.19 8.95 34.25
CA THR B 82 23.91 9.63 34.45
C THR B 82 22.86 8.91 33.63
N GLU B 83 21.60 9.30 33.76
CA GLU B 83 20.62 8.85 32.78
C GLU B 83 20.93 9.51 31.44
N LEU B 84 20.37 8.96 30.39
CA LEU B 84 20.69 9.40 29.03
C LEU B 84 20.27 10.84 28.77
N ASP B 85 19.31 11.33 29.54
CA ASP B 85 18.81 12.70 29.34
C ASP B 85 19.66 13.70 30.14
N GLY B 86 20.71 13.18 30.78
CA GLY B 86 21.59 14.00 31.58
C GLY B 86 21.18 14.18 33.03
N THR B 87 20.00 13.69 33.40
CA THR B 87 19.58 13.81 34.80
C THR B 87 20.35 12.79 35.64
N PRO B 88 20.51 13.07 36.94
CA PRO B 88 21.32 12.17 37.76
C PRO B 88 20.79 10.75 37.79
N TYR B 89 21.71 9.79 37.77
CA TYR B 89 21.41 8.39 38.00
C TYR B 89 21.44 8.15 39.50
N HIS B 90 20.46 7.40 40.01
CA HIS B 90 20.42 7.05 41.43
C HIS B 90 20.54 5.54 41.61
N ALA B 91 21.60 5.11 42.29
CA ALA B 91 21.82 3.68 42.50
C ALA B 91 20.70 3.15 43.41
N PHE B 92 19.65 2.62 42.79
CA PHE B 92 18.44 2.31 43.52
C PHE B 92 17.94 0.93 43.14
N GLU B 93 16.81 0.87 42.45
CA GLU B 93 16.18 -0.39 42.14
C GLU B 93 16.50 -0.97 40.76
N SER B 94 16.87 -0.13 39.81
CA SER B 94 17.18 -0.64 38.47
C SER B 94 18.61 -1.15 38.45
N PRO B 95 18.93 -2.08 37.54
CA PRO B 95 20.30 -2.60 37.48
C PRO B 95 21.35 -1.57 37.04
N ALA B 96 20.92 -0.53 36.35
CA ALA B 96 21.83 0.46 35.74
C ALA B 96 20.95 1.60 35.20
N PRO B 97 21.57 2.64 34.63
CA PRO B 97 20.71 3.66 33.99
C PRO B 97 19.86 3.05 32.90
N LEU B 98 18.69 3.63 32.65
CA LEU B 98 17.81 3.13 31.61
C LEU B 98 18.51 3.13 30.25
N GLY B 99 18.37 2.02 29.53
CA GLY B 99 18.97 1.91 28.22
C GLY B 99 20.38 1.37 28.24
N PHE B 100 21.00 1.24 29.41
CA PHE B 100 22.38 0.76 29.50
C PHE B 100 22.51 -0.59 28.80
N PRO B 101 23.60 -0.80 28.03
CA PRO B 101 23.69 -2.08 27.29
C PRO B 101 23.66 -3.29 28.22
N ASP B 102 23.16 -4.41 27.69
CA ASP B 102 23.07 -5.64 28.48
C ASP B 102 23.72 -6.83 27.79
N ILE B 103 24.72 -6.54 26.95
CA ILE B 103 25.45 -7.62 26.26
C ILE B 103 26.57 -8.08 27.18
N GLY B 104 26.43 -9.24 27.79
CA GLY B 104 27.33 -9.60 28.88
C GLY B 104 28.64 -10.24 28.45
N ALA B 105 29.61 -10.23 29.36
CA ALA B 105 30.85 -10.99 29.23
C ALA B 105 31.63 -10.72 27.95
N CYS B 106 31.85 -9.46 27.65
CA CYS B 106 32.60 -9.07 26.47
C CYS B 106 33.10 -7.65 26.64
N ASP B 107 34.10 -7.23 25.86
CA ASP B 107 34.44 -5.82 25.80
C ASP B 107 33.43 -5.05 24.97
N TRP B 108 33.15 -3.81 25.38
CA TRP B 108 32.28 -2.92 24.64
C TRP B 108 33.09 -1.80 24.02
N HIS B 109 32.62 -1.28 22.90
CA HIS B 109 33.26 -0.16 22.25
C HIS B 109 32.16 0.83 21.96
N VAL B 110 32.19 1.94 22.69
CA VAL B 110 31.08 2.87 22.74
C VAL B 110 31.51 4.20 22.14
N SER B 111 30.78 4.67 21.13
CA SER B 111 31.16 5.89 20.46
C SER B 111 30.40 7.07 21.06
N THR B 112 31.12 8.00 21.66
CA THR B 112 30.48 9.12 22.37
C THR B 112 30.92 10.48 21.84
N PHE B 113 30.09 11.49 22.09
CA PHE B 113 30.44 12.88 21.85
C PHE B 113 30.22 13.70 23.11
N LYS B 114 30.92 14.82 23.21
CA LYS B 114 30.76 15.72 24.34
C LYS B 114 29.54 16.59 24.11
N VAL B 115 28.63 16.59 25.08
CA VAL B 115 27.37 17.30 24.90
C VAL B 115 27.55 18.81 25.08
N LEU B 119 31.39 22.59 19.14
CA LEU B 119 32.29 21.51 18.78
C LEU B 119 33.28 21.89 17.68
N SER B 120 34.49 21.33 17.78
CA SER B 120 35.54 21.51 16.78
C SER B 120 36.36 20.21 16.67
N GLY B 121 37.04 20.02 15.54
CA GLY B 121 37.80 18.79 15.36
C GLY B 121 36.87 17.59 15.31
N ASP B 122 37.46 16.40 15.34
CA ASP B 122 36.71 15.16 15.43
C ASP B 122 36.03 15.11 16.79
N PRO B 123 34.69 15.10 16.82
CA PRO B 123 34.00 15.19 18.12
C PRO B 123 33.85 13.84 18.81
N MET B 124 34.18 12.76 18.12
CA MET B 124 33.90 11.42 18.65
C MET B 124 35.06 10.82 19.46
N SER B 125 34.70 10.11 20.51
CA SER B 125 35.66 9.29 21.26
C SER B 125 35.13 7.88 21.26
N ARG B 126 35.99 6.90 21.14
CA ARG B 126 35.56 5.52 21.29
C ARG B 126 36.01 5.08 22.67
N LEU B 127 35.06 4.72 23.52
CA LEU B 127 35.38 4.29 24.88
C LEU B 127 35.42 2.77 24.88
N ASP B 128 36.55 2.23 25.30
CA ASP B 128 36.74 0.79 25.29
C ASP B 128 36.58 0.30 26.73
N VAL B 129 35.51 -0.46 26.94
CA VAL B 129 35.08 -0.82 28.28
C VAL B 129 35.16 -2.32 28.49
N LYS B 130 35.82 -2.71 29.59
CA LYS B 130 35.95 -4.11 29.98
C LYS B 130 34.97 -4.39 31.11
N GLN B 131 34.40 -5.60 31.12
CA GLN B 131 33.51 -6.00 32.20
C GLN B 131 34.30 -6.76 33.25
N ASN B 132 35.27 -6.07 33.84
CA ASN B 132 36.04 -6.64 34.94
C ASN B 132 35.70 -5.94 36.25
N ALA B 133 36.60 -5.98 37.23
CA ALA B 133 36.26 -5.51 38.59
C ALA B 133 35.69 -4.09 38.69
N PRO B 134 36.27 -3.10 37.97
CA PRO B 134 35.74 -1.74 38.09
C PRO B 134 34.42 -1.50 37.34
N PHE B 135 33.90 -2.51 36.66
CA PHE B 135 32.64 -2.35 35.93
C PHE B 135 31.50 -2.45 36.94
N ALA B 136 30.96 -1.30 37.33
CA ALA B 136 29.97 -1.27 38.40
C ALA B 136 28.76 -0.42 38.02
N PRO B 137 28.03 -0.83 36.98
CA PRO B 137 26.96 0.06 36.51
C PRO B 137 25.81 0.25 37.51
N HIS B 138 25.56 -0.71 38.38
CA HIS B 138 24.52 -0.50 39.37
C HIS B 138 24.92 0.64 40.30
N LEU B 139 26.19 0.68 40.66
CA LEU B 139 26.68 1.74 41.54
C LEU B 139 26.82 3.05 40.79
N GLY B 140 26.89 2.98 39.47
CA GLY B 140 26.92 4.17 38.65
C GLY B 140 28.29 4.54 38.11
N SER B 141 29.21 3.59 38.02
CA SER B 141 30.51 3.91 37.44
C SER B 141 31.10 2.77 36.62
N ILE B 142 31.77 3.13 35.52
CA ILE B 142 32.52 2.16 34.74
C ILE B 142 33.85 2.81 34.38
N GLU B 143 34.83 2.01 33.99
CA GLU B 143 36.11 2.56 33.54
C GLU B 143 36.28 2.29 32.07
N PHE B 144 37.15 3.04 31.42
CA PHE B 144 37.43 2.81 30.00
C PHE B 144 38.86 3.20 29.65
N THR B 145 39.32 2.72 28.50
CA THR B 145 40.49 3.29 27.87
C THR B 145 40.03 3.86 26.54
N SER B 146 40.75 4.83 26.00
CA SER B 146 40.38 5.43 24.74
C SER B 146 41.61 5.97 24.06
N ASP B 147 41.67 5.84 22.74
CA ASP B 147 42.76 6.46 21.98
C ASP B 147 42.53 7.95 21.77
N GLN B 148 41.34 8.42 22.14
CA GLN B 148 41.02 9.83 22.04
C GLN B 148 41.10 10.42 23.44
N ASP B 149 40.70 11.68 23.61
CA ASP B 149 40.77 12.31 24.93
C ASP B 149 39.42 12.90 25.40
N PRO B 150 38.44 12.01 25.65
CA PRO B 150 37.12 12.49 26.09
C PRO B 150 37.19 13.20 27.45
N THR B 151 36.43 14.29 27.57
CA THR B 151 36.33 15.00 28.83
C THR B 151 34.87 15.36 29.06
N GLY B 152 34.52 15.67 30.31
CA GLY B 152 33.18 16.16 30.62
C GLY B 152 32.05 15.17 30.36
N ASP B 153 30.93 15.70 29.90
CA ASP B 153 29.67 14.99 29.74
C ASP B 153 29.64 14.30 28.38
N GLN B 154 29.78 12.98 28.38
CA GLN B 154 29.86 12.21 27.15
C GLN B 154 28.62 11.37 26.97
N LEU B 155 28.03 11.39 25.78
CA LEU B 155 26.83 10.62 25.48
C LEU B 155 27.10 9.79 24.25
N GLY B 156 26.76 8.51 24.29
CA GLY B 156 27.05 7.68 23.14
C GLY B 156 26.32 6.37 23.07
N THR B 157 26.73 5.57 22.09
CA THR B 157 25.97 4.39 21.72
C THR B 157 26.93 3.24 21.53
N LEU B 158 26.55 2.06 22.01
CA LEU B 158 27.35 0.87 21.77
C LEU B 158 27.56 0.65 20.26
N ALA B 159 28.82 0.57 19.84
CA ALA B 159 29.17 0.50 18.42
C ALA B 159 29.50 -0.92 17.96
N TRP B 160 30.26 -1.64 18.77
CA TRP B 160 30.60 -3.03 18.52
C TRP B 160 31.09 -3.70 19.80
N VAL B 161 31.18 -5.03 19.77
CA VAL B 161 31.66 -5.79 20.93
C VAL B 161 32.73 -6.78 20.48
N SER B 162 33.57 -7.19 21.43
CA SER B 162 34.71 -8.07 21.14
C SER B 162 35.02 -8.90 22.39
N PRO B 163 35.86 -9.94 22.27
CA PRO B 163 36.13 -10.80 23.43
C PRO B 163 36.81 -10.11 24.61
N SER B 164 36.51 -10.58 25.82
CA SER B 164 37.08 -10.00 27.04
C SER B 164 38.57 -10.27 27.13
N THR B 165 38.97 -11.42 26.60
CA THR B 165 40.34 -11.81 26.59
C THR B 165 40.64 -12.53 25.28
N SER B 166 41.88 -12.49 24.82
CA SER B 166 42.23 -13.15 23.56
C SER B 166 41.91 -14.65 23.65
N GLY B 167 41.29 -15.18 22.60
CA GLY B 167 40.93 -16.59 22.56
C GLY B 167 39.49 -16.85 22.96
N ALA B 168 38.90 -15.91 23.69
CA ALA B 168 37.51 -16.04 24.12
C ALA B 168 36.57 -15.68 22.99
N ARG B 169 35.30 -16.08 23.12
CA ARG B 169 34.32 -15.75 22.11
C ARG B 169 33.26 -14.88 22.76
N VAL B 170 32.52 -14.13 21.95
CA VAL B 170 31.45 -13.32 22.48
C VAL B 170 30.16 -14.12 22.39
N ASP B 171 29.42 -14.17 23.49
CA ASP B 171 28.12 -14.81 23.50
C ASP B 171 27.08 -13.75 23.83
N PRO B 172 26.40 -13.24 22.80
CA PRO B 172 25.48 -12.12 23.06
C PRO B 172 24.18 -12.56 23.76
N TRP B 173 24.06 -13.84 24.08
CA TRP B 173 22.92 -14.34 24.85
C TRP B 173 23.12 -14.16 26.37
N LYS B 174 24.31 -13.73 26.77
CA LYS B 174 24.62 -13.49 28.17
C LYS B 174 24.34 -12.05 28.54
N ILE B 175 24.11 -11.82 29.83
CA ILE B 175 23.96 -10.47 30.38
C ILE B 175 25.13 -10.14 31.31
N PRO B 176 25.35 -8.85 31.58
CA PRO B 176 26.42 -8.44 32.49
C PRO B 176 26.15 -8.79 33.94
N SER B 177 27.21 -8.74 34.74
CA SER B 177 27.10 -8.62 36.19
C SER B 177 27.14 -7.13 36.49
N TYR B 178 26.08 -6.62 37.11
CA TYR B 178 25.93 -5.17 37.29
C TYR B 178 26.66 -4.65 38.54
N GLY B 179 27.26 -5.54 39.31
CA GLY B 179 28.11 -5.13 40.41
C GLY B 179 27.86 -5.84 41.72
N HIS B 187 16.42 -4.14 40.61
CA HIS B 187 15.23 -4.80 40.09
C HIS B 187 15.51 -5.53 38.78
N LEU B 188 16.49 -6.44 38.82
CA LEU B 188 16.87 -7.20 37.64
C LEU B 188 15.68 -8.01 37.10
N ALA B 189 15.37 -7.81 35.82
CA ALA B 189 14.26 -8.51 35.19
C ALA B 189 14.52 -10.01 35.38
N PRO B 190 13.45 -10.78 35.64
CA PRO B 190 13.61 -12.21 35.95
C PRO B 190 13.91 -13.05 34.71
N PRO B 191 14.35 -14.29 34.92
CA PRO B 191 14.62 -15.17 33.78
C PRO B 191 13.34 -15.44 33.01
N ILE B 192 13.49 -15.78 31.73
CA ILE B 192 12.36 -16.19 30.92
C ILE B 192 12.50 -17.69 30.72
N PHE B 193 11.55 -18.43 31.29
CA PHE B 193 11.58 -19.88 31.20
C PHE B 193 10.69 -20.36 30.07
N PRO B 194 11.21 -21.23 29.19
CA PRO B 194 10.35 -21.88 28.21
C PRO B 194 9.19 -22.54 28.95
N PRO B 195 7.95 -22.28 28.53
CA PRO B 195 6.80 -22.67 29.36
C PRO B 195 6.39 -24.13 29.23
N GLY B 196 7.11 -24.90 28.41
CA GLY B 196 6.88 -26.33 28.34
C GLY B 196 5.98 -26.75 27.19
N PHE B 197 5.74 -28.05 27.10
CA PHE B 197 4.80 -28.61 26.14
C PHE B 197 5.08 -28.24 24.70
N GLY B 198 6.35 -28.29 24.33
CA GLY B 198 6.72 -28.13 22.94
C GLY B 198 6.83 -26.67 22.53
N GLU B 199 6.52 -25.74 23.42
CA GLU B 199 6.66 -24.33 23.07
C GLU B 199 8.11 -23.89 23.21
N ALA B 200 8.54 -23.01 22.32
CA ALA B 200 9.88 -22.47 22.36
C ALA B 200 9.80 -20.95 22.31
N ILE B 201 10.64 -20.30 23.09
CA ILE B 201 10.72 -18.84 23.09
C ILE B 201 11.17 -18.38 21.72
N VAL B 202 10.53 -17.34 21.19
CA VAL B 202 10.93 -16.74 19.92
C VAL B 202 11.90 -15.59 20.15
N TYR B 203 13.05 -15.68 19.48
CA TYR B 203 14.06 -14.64 19.59
C TYR B 203 14.13 -13.87 18.29
N PHE B 204 14.21 -12.55 18.44
CA PHE B 204 14.30 -11.63 17.31
C PHE B 204 15.75 -11.20 17.10
N MET B 205 16.29 -11.49 15.92
CA MET B 205 17.73 -11.42 15.67
C MET B 205 18.12 -10.21 14.80
N SER B 206 19.25 -9.59 15.13
CA SER B 206 19.77 -8.49 14.32
C SER B 206 21.23 -8.69 13.98
N ASP B 207 21.62 -8.30 12.77
CA ASP B 207 23.03 -8.15 12.44
C ASP B 207 23.63 -7.07 13.32
N PHE B 208 24.85 -7.30 13.81
CA PHE B 208 25.54 -6.34 14.66
C PHE B 208 27.01 -6.73 14.68
N PRO B 209 27.90 -5.71 14.63
CA PRO B 209 29.32 -6.05 14.60
C PRO B 209 29.78 -6.70 15.91
N ILE B 210 29.84 -8.03 15.87
CA ILE B 210 30.40 -8.81 16.96
C ILE B 210 31.69 -9.42 16.45
N VAL B 211 32.80 -9.05 17.04
CA VAL B 211 34.05 -9.63 16.62
C VAL B 211 34.27 -10.93 17.36
N SER B 212 34.50 -12.01 16.62
CA SER B 212 34.76 -13.32 17.20
C SER B 212 33.61 -13.76 18.09
N THR B 215 28.31 -15.99 16.60
CA THR B 215 27.15 -16.01 15.71
C THR B 215 27.03 -14.71 14.92
N ALA B 216 27.40 -13.60 15.57
CA ALA B 216 27.34 -12.29 14.93
C ALA B 216 25.90 -11.78 14.66
N GLN B 217 24.91 -12.40 15.30
CA GLN B 217 23.59 -11.81 15.47
C GLN B 217 23.19 -11.66 16.95
N VAL B 218 22.53 -10.57 17.29
CA VAL B 218 22.13 -10.31 18.67
C VAL B 218 20.64 -10.63 18.84
N PRO B 219 20.31 -11.49 19.81
CA PRO B 219 18.90 -11.83 20.02
C PRO B 219 18.23 -10.86 20.98
N CYS B 220 16.92 -10.69 20.85
CA CYS B 220 16.13 -10.06 21.88
C CYS B 220 14.77 -10.76 21.94
N THR B 221 14.04 -10.55 23.02
CA THR B 221 12.77 -11.28 23.20
C THR B 221 11.52 -10.44 22.89
N LEU B 222 11.68 -9.12 22.77
CA LEU B 222 10.60 -8.26 22.26
C LEU B 222 11.19 -7.21 21.35
N PRO B 223 10.62 -7.04 20.15
CA PRO B 223 11.02 -5.89 19.35
C PRO B 223 10.75 -4.61 20.13
N GLN B 224 11.59 -3.59 19.95
CA GLN B 224 11.45 -2.38 20.77
C GLN B 224 10.09 -1.74 20.62
N GLU B 225 9.53 -1.74 19.41
CA GLU B 225 8.24 -1.09 19.25
C GLU B 225 7.11 -1.83 19.98
N PHE B 226 7.30 -3.12 20.27
CA PHE B 226 6.34 -3.83 21.11
C PHE B 226 6.37 -3.24 22.53
N VAL B 227 7.58 -2.97 23.02
CA VAL B 227 7.75 -2.37 24.34
C VAL B 227 7.05 -1.02 24.43
N SER B 228 7.31 -0.12 23.47
CA SER B 228 6.67 1.19 23.55
C SER B 228 5.16 1.09 23.35
N HIS B 229 4.74 0.11 22.55
CA HIS B 229 3.32 -0.13 22.36
C HIS B 229 2.64 -0.48 23.69
N PHE B 230 3.24 -1.40 24.44
CA PHE B 230 2.67 -1.82 25.72
C PHE B 230 2.67 -0.69 26.75
N VAL B 231 3.77 0.07 26.81
CA VAL B 231 3.84 1.22 27.70
C VAL B 231 2.78 2.27 27.39
N GLU B 232 2.63 2.55 26.10
CA GLU B 232 1.70 3.57 25.60
C GLU B 232 0.25 3.17 25.86
N GLN B 233 -0.05 1.90 25.62
CA GLN B 233 -1.45 1.45 25.62
C GLN B 233 -2.01 1.19 27.01
N GLN B 234 -1.18 0.67 27.91
CA GLN B 234 -1.61 0.33 29.27
C GLN B 234 -2.87 -0.54 29.24
N ALA B 235 -2.87 -1.53 28.37
CA ALA B 235 -4.03 -2.39 28.17
C ALA B 235 -4.19 -3.41 29.30
N PRO B 236 -5.43 -3.68 29.71
CA PRO B 236 -5.58 -4.71 30.74
C PRO B 236 -5.34 -6.09 30.15
N VAL B 237 -4.75 -6.98 30.93
CA VAL B 237 -4.54 -8.36 30.49
C VAL B 237 -5.79 -9.15 30.80
N ARG B 238 -6.40 -9.72 29.77
CA ARG B 238 -7.72 -10.35 29.92
C ARG B 238 -7.67 -11.86 29.78
N GLY B 239 -6.47 -12.42 29.76
CA GLY B 239 -6.32 -13.85 29.65
C GLY B 239 -4.90 -14.29 30.01
N GLU B 240 -4.69 -15.59 30.03
CA GLU B 240 -3.39 -16.14 30.41
C GLU B 240 -2.35 -16.00 29.30
N ALA B 241 -2.80 -15.80 28.08
CA ALA B 241 -1.89 -15.56 26.96
C ALA B 241 -2.65 -14.90 25.82
N ALA B 242 -1.93 -14.13 25.00
CA ALA B 242 -2.54 -13.52 23.82
C ALA B 242 -2.15 -14.31 22.59
N LEU B 243 -3.14 -14.85 21.88
CA LEU B 243 -2.86 -15.57 20.63
C LEU B 243 -2.65 -14.57 19.50
N LEU B 244 -1.48 -14.63 18.86
CA LEU B 244 -1.17 -13.75 17.72
C LEU B 244 -1.10 -14.55 16.42
N HIS B 245 -1.52 -13.92 15.33
CA HIS B 245 -1.27 -14.44 13.99
C HIS B 245 -0.15 -13.62 13.34
N TYR B 246 0.74 -14.30 12.62
CA TYR B 246 1.76 -13.63 11.83
C TYR B 246 1.29 -13.64 10.39
N VAL B 247 0.98 -12.45 9.86
CA VAL B 247 0.24 -12.32 8.60
C VAL B 247 1.09 -11.74 7.48
N ASP B 248 1.01 -12.33 6.30
CA ASP B 248 1.62 -11.76 5.11
C ASP B 248 0.85 -10.48 4.76
N PRO B 249 1.55 -9.33 4.76
CA PRO B 249 0.87 -8.04 4.54
C PRO B 249 0.45 -7.81 3.10
N ASP B 250 0.93 -8.65 2.19
CA ASP B 250 0.60 -8.49 0.78
C ASP B 250 -0.51 -9.44 0.31
N THR B 251 -0.53 -10.65 0.85
CA THR B 251 -1.55 -11.63 0.47
C THR B 251 -2.63 -11.74 1.54
N HIS B 252 -2.33 -11.20 2.72
CA HIS B 252 -3.23 -11.24 3.88
C HIS B 252 -3.48 -12.65 4.41
N ARG B 253 -2.60 -13.58 4.06
CA ARG B 253 -2.69 -14.95 4.57
C ARG B 253 -2.00 -15.11 5.91
N ASN B 254 -2.57 -15.96 6.75
CA ASN B 254 -2.04 -16.28 8.08
C ASN B 254 -0.87 -17.23 7.94
N LEU B 255 0.31 -16.83 8.41
CA LEU B 255 1.50 -17.65 8.22
C LEU B 255 1.87 -18.49 9.43
N GLY B 256 1.29 -18.18 10.58
CA GLY B 256 1.59 -18.95 11.78
C GLY B 256 1.05 -18.36 13.06
N GLU B 257 0.94 -19.22 14.08
CA GLU B 257 0.38 -18.86 15.38
C GLU B 257 1.47 -18.71 16.41
N PHE B 258 1.32 -17.69 17.27
CA PHE B 258 2.29 -17.41 18.34
C PHE B 258 1.52 -17.08 19.60
N LYS B 259 2.14 -17.31 20.77
CA LYS B 259 1.51 -16.87 22.02
C LYS B 259 2.35 -15.77 22.65
N LEU B 260 1.68 -14.70 23.06
CA LEU B 260 2.32 -13.60 23.76
C LEU B 260 1.89 -13.68 25.21
N TYR B 261 2.86 -13.89 26.11
CA TYR B 261 2.57 -14.07 27.54
C TYR B 261 2.59 -12.73 28.29
N PRO B 262 1.79 -12.62 29.35
CA PRO B 262 1.70 -11.40 30.17
C PRO B 262 3.05 -10.89 30.66
N ASP B 263 3.99 -11.79 30.98
CA ASP B 263 5.30 -11.35 31.45
C ASP B 263 6.15 -10.72 30.35
N GLY B 264 5.70 -10.82 29.11
CA GLY B 264 6.30 -10.06 28.01
C GLY B 264 7.32 -10.83 27.19
N PHE B 265 6.92 -12.00 26.70
CA PHE B 265 7.73 -12.72 25.73
C PHE B 265 6.79 -13.50 24.80
N ILE B 266 7.35 -14.02 23.71
CA ILE B 266 6.55 -14.70 22.69
C ILE B 266 7.05 -16.12 22.47
N THR B 267 6.13 -17.05 22.29
CA THR B 267 6.51 -18.42 21.96
C THR B 267 5.81 -18.90 20.70
N CYS B 268 6.31 -20.02 20.17
CA CYS B 268 5.64 -20.76 19.11
C CYS B 268 5.90 -22.22 19.37
N VAL B 269 5.30 -23.09 18.57
CA VAL B 269 5.71 -24.50 18.55
C VAL B 269 6.44 -24.69 17.24
N PRO B 270 7.78 -24.78 17.30
CA PRO B 270 8.50 -24.91 16.04
C PRO B 270 8.43 -26.34 15.48
N ASN B 271 8.21 -26.46 14.17
CA ASN B 271 8.31 -27.75 13.53
C ASN B 271 9.73 -28.30 13.67
N THR B 272 9.85 -29.60 13.88
CA THR B 272 11.15 -30.21 14.06
C THR B 272 12.00 -29.97 12.84
N GLY B 273 13.23 -29.52 13.07
CA GLY B 273 14.16 -29.24 11.99
C GLY B 273 13.90 -27.89 11.37
N GLY B 274 12.94 -27.16 11.91
CA GLY B 274 12.58 -25.85 11.40
C GLY B 274 12.19 -24.88 12.50
N GLY B 275 11.21 -24.02 12.23
CA GLY B 275 10.78 -23.02 13.18
C GLY B 275 10.55 -21.68 12.51
N PRO B 276 10.36 -20.62 13.33
CA PRO B 276 10.04 -19.30 12.79
C PRO B 276 11.17 -18.71 11.93
N GLN B 277 12.37 -19.29 12.02
CA GLN B 277 13.47 -18.89 11.14
C GLN B 277 13.19 -19.20 9.67
N ASN B 278 12.21 -20.06 9.41
CA ASN B 278 11.83 -20.40 8.04
C ASN B 278 10.67 -19.58 7.50
N LEU B 279 10.16 -18.68 8.32
CA LEU B 279 9.09 -17.78 7.88
C LEU B 279 9.66 -16.54 7.20
N PRO B 280 8.86 -15.93 6.30
CA PRO B 280 9.23 -14.64 5.71
C PRO B 280 9.42 -13.61 6.80
N THR B 281 10.30 -12.65 6.57
CA THR B 281 10.63 -11.68 7.60
C THR B 281 9.87 -10.36 7.42
N ASN B 282 8.85 -10.36 6.59
CA ASN B 282 8.06 -9.14 6.35
C ASN B 282 6.61 -9.26 6.81
N GLY B 283 6.34 -10.26 7.65
CA GLY B 283 4.99 -10.44 8.19
C GLY B 283 4.65 -9.46 9.30
N VAL B 284 3.36 -9.35 9.60
CA VAL B 284 2.88 -8.48 10.67
C VAL B 284 2.20 -9.32 11.74
N PHE B 285 2.56 -9.10 13.01
CA PHE B 285 1.84 -9.75 14.10
C PHE B 285 0.52 -9.03 14.35
N VAL B 286 -0.53 -9.84 14.53
CA VAL B 286 -1.87 -9.31 14.77
C VAL B 286 -2.51 -10.05 15.93
N PHE B 287 -2.99 -9.31 16.93
CA PHE B 287 -3.70 -9.92 18.04
C PHE B 287 -4.98 -10.59 17.53
N SER B 288 -5.20 -11.84 17.92
CA SER B 288 -6.39 -12.56 17.49
C SER B 288 -7.38 -12.77 18.65
N SER B 289 -6.92 -13.34 19.75
CA SER B 289 -7.77 -13.58 20.91
C SER B 289 -6.99 -13.91 22.18
N TRP B 290 -7.66 -13.80 23.32
CA TRP B 290 -7.09 -14.25 24.57
C TRP B 290 -7.30 -15.76 24.69
N VAL B 291 -6.27 -16.48 25.12
CA VAL B 291 -6.36 -17.93 25.27
C VAL B 291 -5.80 -18.38 26.62
N SER B 292 -6.10 -19.61 27.02
CA SER B 292 -5.57 -20.12 28.28
C SER B 292 -4.09 -20.44 28.13
N ARG B 293 -3.40 -20.60 29.25
CA ARG B 293 -1.96 -20.80 29.26
C ARG B 293 -1.53 -22.05 28.48
N TYR B 294 -2.38 -23.08 28.49
CA TYR B 294 -2.04 -24.32 27.81
C TYR B 294 -2.72 -24.51 26.46
N TYR B 295 -3.26 -23.43 25.91
CA TYR B 295 -3.77 -23.44 24.54
C TYR B 295 -2.70 -23.97 23.60
N GLN B 296 -3.03 -25.01 22.84
CA GLN B 296 -2.07 -25.62 21.93
C GLN B 296 -1.94 -24.86 20.61
N LEU B 297 -0.71 -24.51 20.26
CA LEU B 297 -0.43 -23.85 18.99
C LEU B 297 -0.20 -24.80 17.83
N LYS B 298 -0.63 -24.39 16.65
CA LYS B 298 -0.31 -25.11 15.42
C LYS B 298 1.16 -24.88 15.14
N PRO B 299 1.93 -25.95 14.90
CA PRO B 299 3.37 -25.81 14.65
C PRO B 299 3.71 -24.91 13.46
N VAL B 300 4.85 -24.25 13.57
CA VAL B 300 5.25 -23.30 12.54
C VAL B 300 6.63 -23.60 11.95
N LEU C 7 6.16 -15.81 -12.49
CA LEU C 7 5.31 -14.95 -13.31
C LEU C 7 4.31 -15.78 -14.11
N THR C 8 3.04 -15.38 -14.09
CA THR C 8 2.04 -15.89 -15.03
C THR C 8 1.32 -14.71 -15.65
N VAL C 9 0.65 -14.94 -16.78
CA VAL C 9 -0.28 -13.97 -17.35
C VAL C 9 -1.65 -14.64 -17.39
N PRO C 10 -2.73 -13.85 -17.50
CA PRO C 10 -4.09 -14.41 -17.47
C PRO C 10 -4.34 -15.54 -18.47
N ASN C 11 -4.87 -16.66 -17.99
CA ASN C 11 -5.33 -17.77 -18.84
C ASN C 11 -6.73 -17.45 -19.39
N ILE C 12 -6.77 -16.39 -20.20
CA ILE C 12 -8.01 -15.89 -20.79
C ILE C 12 -7.72 -15.54 -22.26
N PRO C 13 -8.59 -16.00 -23.18
CA PRO C 13 -8.34 -15.70 -24.59
C PRO C 13 -8.46 -14.21 -24.87
N LEU C 14 -7.78 -13.75 -25.92
CA LEU C 14 -7.72 -12.33 -26.25
C LEU C 14 -9.09 -11.66 -26.37
N ASN C 15 -10.04 -12.35 -26.98
CA ASN C 15 -11.37 -11.79 -27.21
C ASN C 15 -12.20 -11.65 -25.94
N ASN C 16 -11.72 -12.21 -24.83
CA ASN C 16 -12.38 -12.03 -23.54
C ASN C 16 -11.61 -11.07 -22.63
N LEU C 17 -10.68 -10.31 -23.22
CA LEU C 17 -9.92 -9.31 -22.47
C LEU C 17 -10.40 -7.91 -22.81
N ALA C 18 -10.43 -7.06 -21.79
CA ALA C 18 -10.92 -5.69 -21.94
C ALA C 18 -9.81 -4.71 -22.29
N ASN C 19 -10.17 -3.70 -23.07
CA ASN C 19 -9.29 -2.54 -23.25
C ASN C 19 -9.08 -1.81 -21.93
N SER C 20 -7.88 -1.28 -21.75
CA SER C 20 -7.53 -0.57 -20.52
C SER C 20 -7.66 0.94 -20.67
N ARG C 21 -8.06 1.40 -21.87
CA ARG C 21 -8.22 2.84 -22.11
C ARG C 21 -9.66 3.26 -22.43
N VAL C 22 -10.48 2.31 -22.85
CA VAL C 22 -11.92 2.56 -23.03
C VAL C 22 -12.70 1.32 -22.58
N PRO C 23 -13.98 1.49 -22.20
CA PRO C 23 -14.75 0.33 -21.76
C PRO C 23 -15.25 -0.47 -22.97
N ALA C 24 -14.42 -1.41 -23.38
CA ALA C 24 -14.70 -2.17 -24.60
C ALA C 24 -13.83 -3.40 -24.55
N MET C 25 -14.17 -4.39 -25.38
CA MET C 25 -13.39 -5.60 -25.45
C MET C 25 -12.34 -5.49 -26.56
N ILE C 26 -11.24 -6.21 -26.39
CA ILE C 26 -10.19 -6.22 -27.40
C ILE C 26 -10.67 -7.05 -28.59
N ASN C 27 -10.53 -6.52 -29.79
CA ASN C 27 -10.92 -7.32 -30.95
C ASN C 27 -9.80 -7.61 -31.93
N LYS C 28 -8.61 -7.06 -31.69
CA LYS C 28 -7.44 -7.41 -32.50
C LYS C 28 -6.17 -6.82 -31.93
N MET C 29 -5.03 -7.39 -32.33
CA MET C 29 -3.73 -6.79 -32.03
C MET C 29 -3.23 -6.12 -33.28
N THR C 30 -2.43 -5.09 -33.11
CA THR C 30 -1.77 -4.49 -34.25
C THR C 30 -0.44 -3.86 -33.86
N VAL C 31 0.31 -3.43 -34.86
CA VAL C 31 1.51 -2.66 -34.62
C VAL C 31 1.32 -1.30 -35.25
N SER C 32 2.05 -0.29 -34.78
CA SER C 32 1.90 1.06 -35.32
C SER C 32 2.53 1.15 -36.71
N THR C 33 1.92 1.95 -37.58
CA THR C 33 2.39 2.10 -38.96
C THR C 33 3.84 2.56 -38.95
N ASP C 34 4.12 3.54 -38.10
CA ASP C 34 5.50 3.92 -37.81
C ASP C 34 5.90 3.13 -36.59
N GLN C 35 6.79 2.15 -36.77
CA GLN C 35 7.11 1.27 -35.68
C GLN C 35 8.09 1.90 -34.69
N ASN C 36 8.50 3.11 -35.01
CA ASN C 36 9.33 3.92 -34.11
C ASN C 36 8.46 4.80 -33.18
N GLN C 37 7.15 4.78 -33.38
CA GLN C 37 6.27 5.70 -32.68
C GLN C 37 6.30 5.50 -31.17
N VAL C 38 6.49 6.60 -30.44
CA VAL C 38 6.48 6.58 -28.98
C VAL C 38 5.09 6.90 -28.45
N VAL C 39 4.64 6.17 -27.42
CA VAL C 39 3.36 6.47 -26.79
C VAL C 39 3.57 6.73 -25.31
N GLN C 40 2.59 7.38 -24.70
CA GLN C 40 2.68 7.73 -23.28
C GLN C 40 1.32 7.60 -22.61
N PHE C 41 0.59 6.52 -22.93
CA PHE C 41 -0.72 6.30 -22.34
C PHE C 41 -0.64 6.34 -20.81
N GLN C 42 -1.69 6.86 -20.17
CA GLN C 42 -1.70 6.98 -18.71
C GLN C 42 -2.55 5.90 -18.03
N ASN C 43 -3.40 5.26 -18.82
CA ASN C 43 -4.16 4.09 -18.38
C ASN C 43 -3.58 2.84 -19.04
N GLY C 44 -3.86 1.68 -18.46
CA GLY C 44 -3.27 0.45 -18.95
C GLY C 44 -1.81 0.32 -18.60
N ARG C 45 -1.35 1.08 -17.60
CA ARG C 45 0.07 1.10 -17.22
C ARG C 45 0.30 0.44 -15.88
N CYS C 46 1.15 -0.59 -15.87
CA CYS C 46 1.42 -1.36 -14.67
C CYS C 46 2.69 -2.16 -14.89
N THR C 47 3.57 -2.19 -13.90
CA THR C 47 4.79 -2.98 -14.02
C THR C 47 4.45 -4.45 -13.78
N LEU C 48 5.32 -5.35 -14.21
CA LEU C 48 5.08 -6.78 -14.01
C LEU C 48 5.00 -7.14 -12.52
N GLU C 49 5.70 -6.38 -11.68
CA GLU C 49 5.65 -6.62 -10.24
C GLU C 49 4.37 -6.09 -9.60
N GLY C 50 3.52 -5.46 -10.40
CA GLY C 50 2.23 -5.00 -9.93
C GLY C 50 2.16 -3.57 -9.42
N GLN C 51 3.08 -2.72 -9.86
CA GLN C 51 3.01 -1.29 -9.52
C GLN C 51 2.20 -0.54 -10.57
N LEU C 52 1.04 -0.02 -10.17
CA LEU C 52 0.22 0.80 -11.05
C LEU C 52 0.89 2.13 -11.37
N LEU C 53 0.74 2.59 -12.61
CA LEU C 53 1.35 3.84 -13.03
C LEU C 53 0.29 4.76 -13.64
N GLY C 54 0.59 6.05 -13.67
CA GLY C 54 -0.33 7.04 -14.22
C GLY C 54 -1.67 7.03 -13.51
N THR C 55 -2.75 7.01 -14.28
CA THR C 55 -4.09 7.02 -13.70
C THR C 55 -4.71 5.63 -13.69
N THR C 56 -3.92 4.61 -14.01
CA THR C 56 -4.44 3.24 -14.18
C THR C 56 -5.15 2.69 -12.94
N PRO C 57 -6.42 2.30 -13.10
CA PRO C 57 -7.16 1.65 -12.02
C PRO C 57 -7.05 0.13 -12.14
N VAL C 58 -7.70 -0.60 -11.23
CA VAL C 58 -7.57 -2.05 -11.19
C VAL C 58 -8.62 -2.77 -12.04
N SER C 59 -9.85 -2.26 -12.01
CA SER C 59 -10.98 -2.95 -12.66
C SER C 59 -11.32 -2.37 -14.01
N ALA C 60 -11.77 -3.23 -14.92
CA ALA C 60 -12.22 -2.76 -16.24
C ALA C 60 -13.40 -1.81 -16.14
N SER C 61 -14.17 -1.90 -15.07
CA SER C 61 -15.32 -1.02 -14.87
C SER C 61 -14.96 0.30 -14.17
N GLN C 62 -13.65 0.55 -14.06
CA GLN C 62 -13.13 1.86 -13.61
C GLN C 62 -12.49 2.61 -14.79
N VAL C 63 -12.39 1.95 -15.94
CA VAL C 63 -11.68 2.50 -17.09
C VAL C 63 -12.45 3.59 -17.85
N ALA C 64 -11.84 4.78 -17.93
CA ALA C 64 -12.43 5.93 -18.63
C ALA C 64 -13.74 6.40 -18.02
N ARG C 65 -13.75 6.48 -16.69
CA ARG C 65 -14.91 6.93 -15.93
C ARG C 65 -14.53 8.25 -15.26
N ILE C 66 -15.53 9.07 -14.96
CA ILE C 66 -15.32 10.36 -14.29
C ILE C 66 -16.37 10.52 -13.20
N ARG C 67 -15.96 11.06 -12.05
CA ARG C 67 -16.92 11.40 -11.01
C ARG C 67 -16.55 12.75 -10.42
N GLY C 68 -17.53 13.56 -10.09
CA GLY C 68 -17.25 14.82 -9.43
C GLY C 68 -18.51 15.52 -9.02
N LYS C 69 -18.35 16.64 -8.32
CA LYS C 69 -19.49 17.45 -7.91
C LYS C 69 -19.66 18.60 -8.87
N VAL C 70 -20.86 18.77 -9.39
CA VAL C 70 -21.12 19.86 -10.31
C VAL C 70 -20.95 21.23 -9.64
N PHE C 71 -20.21 22.12 -10.27
CA PHE C 71 -20.31 23.52 -9.92
C PHE C 71 -20.95 24.24 -11.11
N SER C 72 -21.89 25.12 -10.82
CA SER C 72 -22.58 25.86 -11.87
C SER C 72 -22.74 27.26 -11.34
N THR C 73 -22.11 28.22 -12.01
CA THR C 73 -22.01 29.57 -11.49
C THR C 73 -22.26 30.59 -12.60
N ALA C 74 -22.19 31.86 -12.24
CA ALA C 74 -22.23 32.94 -13.22
C ALA C 74 -21.07 32.79 -14.21
N SER C 75 -19.96 32.23 -13.73
CA SER C 75 -18.73 32.16 -14.51
C SER C 75 -18.66 30.96 -15.47
N GLY C 76 -19.27 29.84 -15.09
CA GLY C 76 -19.32 28.68 -15.95
C GLY C 76 -19.84 27.44 -15.25
N LYS C 77 -19.74 26.27 -15.88
CA LYS C 77 -20.00 25.06 -15.11
C LYS C 77 -19.00 23.96 -15.36
N GLY C 78 -18.92 23.04 -14.41
CA GLY C 78 -17.90 22.01 -14.47
C GLY C 78 -18.03 21.00 -13.36
N LEU C 79 -17.02 20.15 -13.24
CA LEU C 79 -16.94 19.20 -12.16
C LEU C 79 -15.73 19.46 -11.29
N ASN C 80 -15.96 19.52 -9.99
CA ASN C 80 -14.90 19.39 -9.02
C ASN C 80 -14.72 17.91 -8.77
N LEU C 81 -13.67 17.36 -9.38
CA LEU C 81 -13.46 15.92 -9.45
C LEU C 81 -13.22 15.26 -8.11
N THR C 82 -13.71 14.04 -7.99
CA THR C 82 -13.37 13.13 -6.91
C THR C 82 -12.84 11.82 -7.51
N GLU C 83 -12.41 10.91 -6.66
CA GLU C 83 -12.17 9.54 -7.12
C GLU C 83 -13.53 8.90 -7.42
N LEU C 84 -13.49 7.78 -8.13
CA LEU C 84 -14.71 7.16 -8.63
C LEU C 84 -15.61 6.63 -7.53
N ASP C 85 -15.04 6.46 -6.33
CA ASP C 85 -15.82 6.04 -5.16
C ASP C 85 -16.37 7.22 -4.35
N GLY C 86 -16.15 8.42 -4.85
CA GLY C 86 -16.67 9.62 -4.23
C GLY C 86 -15.72 10.24 -3.20
N THR C 87 -14.63 9.54 -2.90
CA THR C 87 -13.64 10.06 -1.96
C THR C 87 -12.79 11.16 -2.60
N PRO C 88 -12.19 12.05 -1.79
CA PRO C 88 -11.52 13.22 -2.34
C PRO C 88 -10.37 12.89 -3.27
N TYR C 89 -10.26 13.65 -4.36
CA TYR C 89 -9.10 13.60 -5.23
C TYR C 89 -8.05 14.57 -4.69
N HIS C 90 -6.84 14.07 -4.48
CA HIS C 90 -5.75 14.91 -4.01
C HIS C 90 -4.73 15.14 -5.14
N ALA C 91 -4.56 16.40 -5.53
CA ALA C 91 -3.61 16.81 -6.58
C ALA C 91 -2.19 16.74 -6.10
N SER C 94 -0.78 12.07 -8.86
CA SER C 94 -1.24 11.42 -10.09
C SER C 94 -1.77 12.47 -11.05
N PRO C 95 -1.78 12.15 -12.35
CA PRO C 95 -2.22 13.14 -13.34
C PRO C 95 -3.67 13.56 -13.14
N ALA C 96 -4.49 12.65 -12.62
CA ALA C 96 -5.93 12.86 -12.51
C ALA C 96 -6.45 11.76 -11.59
N PRO C 97 -7.76 11.77 -11.27
CA PRO C 97 -8.30 10.65 -10.49
C PRO C 97 -8.09 9.31 -11.20
N LEU C 98 -7.99 8.22 -10.44
CA LEU C 98 -7.80 6.92 -11.06
C LEU C 98 -8.95 6.60 -12.01
N GLY C 99 -8.61 6.05 -13.16
CA GLY C 99 -9.61 5.72 -14.16
C GLY C 99 -9.98 6.84 -15.13
N PHE C 100 -9.55 8.07 -14.82
CA PHE C 100 -9.87 9.23 -15.66
C PHE C 100 -9.42 8.97 -17.10
N PRO C 101 -10.25 9.33 -18.08
CA PRO C 101 -9.90 9.01 -19.48
C PRO C 101 -8.57 9.65 -19.90
N ASP C 102 -7.84 8.97 -20.79
CA ASP C 102 -6.57 9.48 -21.27
C ASP C 102 -6.54 9.60 -22.80
N ILE C 103 -7.71 9.84 -23.39
CA ILE C 103 -7.76 10.00 -24.84
C ILE C 103 -7.53 11.48 -25.16
N GLY C 104 -6.34 11.80 -25.64
CA GLY C 104 -5.98 13.20 -25.75
C GLY C 104 -6.50 13.95 -26.95
N ALA C 105 -6.52 15.28 -26.80
CA ALA C 105 -6.64 16.20 -27.93
C ALA C 105 -7.93 15.99 -28.70
N CYS C 106 -9.04 15.89 -27.96
CA CYS C 106 -10.37 15.76 -28.56
C CYS C 106 -11.44 16.21 -27.58
N ASP C 107 -12.65 16.46 -28.08
CA ASP C 107 -13.80 16.63 -27.20
C ASP C 107 -14.25 15.27 -26.65
N TRP C 108 -14.63 15.24 -25.37
CA TRP C 108 -15.23 14.06 -24.77
C TRP C 108 -16.71 14.30 -24.56
N HIS C 109 -17.47 13.22 -24.62
CA HIS C 109 -18.88 13.24 -24.34
C HIS C 109 -19.13 12.14 -23.33
N VAL C 110 -19.42 12.54 -22.09
CA VAL C 110 -19.42 11.65 -20.94
C VAL C 110 -20.84 11.54 -20.40
N SER C 111 -21.35 10.31 -20.32
CA SER C 111 -22.71 10.11 -19.86
C SER C 111 -22.75 9.82 -18.37
N THR C 112 -23.35 10.71 -17.59
CA THR C 112 -23.32 10.60 -16.13
C THR C 112 -24.72 10.54 -15.53
N PHE C 113 -24.81 10.03 -14.31
CA PHE C 113 -26.06 10.08 -13.54
C PHE C 113 -25.77 10.64 -12.15
N LYS C 114 -26.81 11.14 -11.49
CA LYS C 114 -26.66 11.63 -10.13
C LYS C 114 -26.74 10.46 -9.16
N VAL C 115 -25.70 10.28 -8.36
CA VAL C 115 -25.57 9.07 -7.55
C VAL C 115 -26.64 8.93 -6.46
N ASP C 116 -27.10 10.05 -5.93
CA ASP C 116 -28.16 10.01 -4.92
C ASP C 116 -29.53 10.37 -5.49
N GLN C 117 -29.72 10.17 -6.78
CA GLN C 117 -30.97 10.56 -7.41
C GLN C 117 -32.15 9.71 -6.92
N ASN C 118 -33.19 10.37 -6.41
CA ASN C 118 -34.45 9.71 -6.15
C ASN C 118 -35.59 10.52 -6.76
N LEU C 119 -35.39 10.94 -8.01
CA LEU C 119 -36.37 11.72 -8.76
C LEU C 119 -36.78 10.99 -10.04
N SER C 120 -38.07 11.07 -10.37
CA SER C 120 -38.64 10.38 -11.52
C SER C 120 -38.01 10.87 -12.82
N GLY C 121 -38.05 10.19 -13.99
CA GLY C 121 -37.43 10.74 -15.25
C GLY C 121 -36.05 10.38 -15.94
N ASP C 122 -35.69 11.02 -17.05
CA ASP C 122 -34.42 10.70 -17.70
C ASP C 122 -33.28 11.04 -16.75
N PRO C 123 -32.57 10.02 -16.27
CA PRO C 123 -31.54 10.28 -15.27
C PRO C 123 -30.18 10.65 -15.85
N MET C 124 -30.02 10.56 -17.17
CA MET C 124 -28.69 10.75 -17.77
C MET C 124 -28.45 12.19 -18.20
N SER C 125 -27.22 12.65 -17.96
CA SER C 125 -26.72 13.90 -18.52
C SER C 125 -25.53 13.55 -19.42
N ARG C 126 -25.45 14.19 -20.58
CA ARG C 126 -24.25 14.08 -21.40
C ARG C 126 -23.39 15.31 -21.14
N LEU C 127 -22.20 15.11 -20.59
CA LEU C 127 -21.30 16.22 -20.32
C LEU C 127 -20.35 16.34 -21.49
N ASP C 128 -20.34 17.50 -22.13
CA ASP C 128 -19.50 17.74 -23.29
C ASP C 128 -18.28 18.55 -22.85
N VAL C 129 -17.12 17.91 -22.97
CA VAL C 129 -15.90 18.42 -22.36
C VAL C 129 -14.87 18.72 -23.43
N LYS C 130 -14.37 19.96 -23.43
CA LYS C 130 -13.28 20.33 -24.31
C LYS C 130 -11.94 20.29 -23.58
N GLN C 131 -10.91 19.85 -24.29
CA GLN C 131 -9.55 19.91 -23.75
C GLN C 131 -8.88 21.23 -24.11
N ASN C 132 -9.46 22.33 -23.62
CA ASN C 132 -8.92 23.69 -23.79
C ASN C 132 -8.22 24.20 -22.52
N ALA C 133 -8.41 25.48 -22.18
CA ALA C 133 -7.76 26.03 -20.98
C ALA C 133 -8.32 25.56 -19.63
N PRO C 134 -9.65 25.58 -19.45
CA PRO C 134 -10.16 25.12 -18.15
C PRO C 134 -10.04 23.62 -17.90
N PHE C 135 -9.56 22.87 -18.89
CA PHE C 135 -9.34 21.44 -18.70
C PHE C 135 -8.09 21.27 -17.85
N ALA C 136 -8.27 21.13 -16.54
CA ALA C 136 -7.14 21.01 -15.61
C ALA C 136 -7.38 19.92 -14.59
N PRO C 137 -7.55 18.67 -15.07
CA PRO C 137 -7.89 17.57 -14.16
C PRO C 137 -6.83 17.38 -13.08
N HIS C 138 -5.57 17.71 -13.36
CA HIS C 138 -4.54 17.53 -12.33
C HIS C 138 -4.81 18.43 -11.15
N LEU C 139 -5.41 19.58 -11.41
CA LEU C 139 -5.70 20.55 -10.37
C LEU C 139 -7.09 20.32 -9.77
N GLY C 140 -7.79 19.33 -10.32
CA GLY C 140 -9.01 18.84 -9.72
C GLY C 140 -10.32 19.32 -10.32
N SER C 141 -10.27 19.98 -11.47
CA SER C 141 -11.51 20.40 -12.11
C SER C 141 -11.46 20.36 -13.64
N ILE C 142 -12.63 20.16 -14.24
CA ILE C 142 -12.79 20.32 -15.68
C ILE C 142 -14.10 21.07 -15.89
N GLU C 143 -14.25 21.70 -17.04
CA GLU C 143 -15.51 22.35 -17.37
C GLU C 143 -16.26 21.54 -18.41
N PHE C 144 -17.56 21.75 -18.48
CA PHE C 144 -18.38 21.09 -19.49
C PHE C 144 -19.53 21.98 -19.94
N THR C 145 -20.10 21.66 -21.09
CA THR C 145 -21.41 22.18 -21.45
C THR C 145 -22.33 20.97 -21.49
N SER C 146 -23.62 21.21 -21.34
CA SER C 146 -24.59 20.13 -21.41
C SER C 146 -25.95 20.66 -21.78
N ASP C 147 -26.68 19.88 -22.57
CA ASP C 147 -28.06 20.20 -22.89
C ASP C 147 -29.00 19.76 -21.77
N GLN C 148 -28.47 18.99 -20.81
CA GLN C 148 -29.23 18.61 -19.64
C GLN C 148 -28.87 19.51 -18.45
N ASP C 149 -29.38 19.17 -17.27
CA ASP C 149 -29.14 20.01 -16.09
C ASP C 149 -28.61 19.19 -14.93
N PRO C 150 -27.40 18.63 -15.07
CA PRO C 150 -26.81 17.85 -13.98
C PRO C 150 -26.51 18.69 -12.76
N THR C 151 -26.74 18.11 -11.58
CA THR C 151 -26.39 18.75 -10.33
C THR C 151 -25.77 17.73 -9.39
N GLY C 152 -25.08 18.22 -8.36
CA GLY C 152 -24.55 17.35 -7.32
C GLY C 152 -23.49 16.36 -7.79
N ASP C 153 -23.52 15.18 -7.18
CA ASP C 153 -22.51 14.16 -7.36
C ASP C 153 -22.80 13.34 -8.62
N GLN C 154 -22.07 13.63 -9.70
CA GLN C 154 -22.28 12.92 -10.97
C GLN C 154 -21.21 11.87 -11.23
N LEU C 155 -21.65 10.67 -11.62
CA LEU C 155 -20.74 9.58 -11.94
C LEU C 155 -21.06 9.07 -13.33
N GLY C 156 -20.05 8.90 -14.17
CA GLY C 156 -20.31 8.45 -15.52
C GLY C 156 -19.14 7.90 -16.31
N THR C 157 -19.38 7.64 -17.58
CA THR C 157 -18.41 6.93 -18.41
C THR C 157 -18.26 7.66 -19.73
N LEU C 158 -17.04 7.74 -20.24
CA LEU C 158 -16.82 8.27 -21.59
C LEU C 158 -17.66 7.49 -22.60
N ALA C 159 -18.50 8.21 -23.33
CA ALA C 159 -19.43 7.59 -24.29
C ALA C 159 -18.88 7.63 -25.71
N TRP C 160 -18.35 8.78 -26.10
CA TRP C 160 -17.75 8.95 -27.43
C TRP C 160 -16.87 10.19 -27.44
N VAL C 161 -16.06 10.31 -28.50
CA VAL C 161 -15.15 11.45 -28.63
C VAL C 161 -15.30 12.04 -30.03
N SER C 162 -14.94 13.32 -30.17
CA SER C 162 -15.13 14.05 -31.43
C SER C 162 -14.04 15.13 -31.56
N PRO C 163 -13.89 15.73 -32.76
CA PRO C 163 -12.80 16.69 -32.94
C PRO C 163 -12.88 17.92 -32.03
N SER C 164 -11.72 18.41 -31.60
CA SER C 164 -11.64 19.62 -30.78
C SER C 164 -12.11 20.86 -31.53
N THR C 165 -11.81 20.90 -32.82
CA THR C 165 -12.23 22.00 -33.68
C THR C 165 -12.77 21.46 -34.99
N SER C 166 -13.62 22.26 -35.66
CA SER C 166 -14.22 21.85 -36.92
C SER C 166 -13.18 21.48 -37.96
N GLY C 167 -13.06 20.23 -38.35
CA GLY C 167 -12.13 19.76 -39.36
C GLY C 167 -10.93 19.04 -38.79
N ALA C 168 -10.73 19.13 -37.48
CA ALA C 168 -9.63 18.42 -36.85
C ALA C 168 -9.93 16.92 -36.85
N ARG C 169 -8.88 16.12 -36.75
CA ARG C 169 -9.08 14.68 -36.65
C ARG C 169 -8.86 14.29 -35.20
N VAL C 170 -9.44 13.17 -34.79
CA VAL C 170 -9.19 12.64 -33.48
C VAL C 170 -8.11 11.59 -33.65
N ASP C 171 -7.07 11.70 -32.84
CA ASP C 171 -5.98 10.73 -32.82
C ASP C 171 -5.96 10.11 -31.42
N PRO C 172 -6.50 8.89 -31.29
CA PRO C 172 -6.60 8.30 -29.95
C PRO C 172 -5.27 7.76 -29.42
N TRP C 173 -4.17 7.97 -30.15
CA TRP C 173 -2.84 7.60 -29.68
C TRP C 173 -2.20 8.72 -28.87
N LYS C 174 -2.85 9.88 -28.82
CA LYS C 174 -2.41 11.02 -28.01
C LYS C 174 -2.99 10.96 -26.59
N ILE C 175 -2.33 11.63 -25.66
CA ILE C 175 -2.85 11.75 -24.30
C ILE C 175 -3.17 13.22 -23.97
N PRO C 176 -3.98 13.44 -22.93
CA PRO C 176 -4.29 14.83 -22.56
C PRO C 176 -3.10 15.60 -21.99
N SER C 177 -3.24 16.91 -21.96
CA SER C 177 -2.43 17.78 -21.12
C SER C 177 -3.20 17.99 -19.81
N TYR C 178 -2.68 17.46 -18.71
CA TYR C 178 -3.47 17.39 -17.49
C TYR C 178 -3.37 18.66 -16.64
N THR C 186 2.20 17.09 -14.06
CA THR C 186 1.60 15.85 -13.58
C THR C 186 2.65 14.82 -13.22
N HIS C 187 2.22 13.79 -12.50
CA HIS C 187 3.05 12.61 -12.26
C HIS C 187 2.85 11.63 -13.38
N LEU C 188 3.18 12.02 -14.60
CA LEU C 188 2.84 11.17 -15.73
C LEU C 188 3.62 9.85 -15.73
N ALA C 189 2.94 8.76 -16.07
CA ALA C 189 3.65 7.53 -16.43
C ALA C 189 4.58 7.89 -17.59
N PRO C 190 5.79 7.31 -17.63
CA PRO C 190 6.79 7.70 -18.62
C PRO C 190 6.48 7.19 -20.02
N PRO C 191 7.09 7.80 -21.05
CA PRO C 191 6.89 7.32 -22.42
C PRO C 191 7.37 5.88 -22.56
N ILE C 192 6.76 5.15 -23.48
CA ILE C 192 7.24 3.83 -23.85
C ILE C 192 7.92 3.92 -25.22
N PHE C 193 9.12 3.74 -25.27
CA PHE C 193 9.93 3.64 -26.49
C PHE C 193 9.99 2.22 -27.06
N PRO C 194 9.71 1.82 -28.32
CA PRO C 194 10.07 0.58 -29.02
C PRO C 194 11.48 0.23 -28.58
N PRO C 195 11.71 -1.03 -28.21
CA PRO C 195 12.97 -1.43 -27.57
C PRO C 195 13.72 -2.53 -28.30
N GLY C 196 15.05 -2.41 -28.36
CA GLY C 196 15.88 -3.38 -29.04
C GLY C 196 16.10 -3.08 -30.51
N PHE C 197 16.04 -4.54 -30.96
CA PHE C 197 16.12 -4.48 -32.44
C PHE C 197 14.92 -5.05 -33.22
N GLY C 198 14.38 -4.24 -34.11
CA GLY C 198 13.36 -4.70 -35.01
C GLY C 198 12.22 -5.28 -34.21
N GLU C 199 11.94 -4.71 -33.03
CA GLU C 199 10.77 -5.12 -32.24
C GLU C 199 9.70 -4.03 -32.19
N ALA C 200 8.44 -4.39 -32.45
CA ALA C 200 7.36 -3.43 -32.50
C ALA C 200 6.45 -3.61 -31.31
N ILE C 201 6.04 -2.51 -30.68
CA ILE C 201 5.10 -2.59 -29.57
C ILE C 201 3.77 -3.15 -30.05
N VAL C 202 3.20 -4.07 -29.27
CA VAL C 202 1.88 -4.61 -29.60
C VAL C 202 0.78 -3.76 -29.00
N TYR C 203 -0.16 -3.35 -29.86
CA TYR C 203 -1.28 -2.55 -29.41
C TYR C 203 -2.56 -3.36 -29.49
N PHE C 204 -3.31 -3.36 -28.40
CA PHE C 204 -4.57 -4.07 -28.28
C PHE C 204 -5.70 -3.10 -28.61
N MET C 205 -6.48 -3.43 -29.64
CA MET C 205 -7.41 -2.50 -30.26
C MET C 205 -8.86 -2.81 -29.94
N SER C 206 -9.66 -1.77 -29.72
CA SER C 206 -11.10 -1.94 -29.53
C SER C 206 -11.88 -0.98 -30.41
N ASP C 207 -13.03 -1.45 -30.90
CA ASP C 207 -14.00 -0.56 -31.54
C ASP C 207 -14.51 0.43 -30.50
N PHE C 208 -14.67 1.69 -30.90
CA PHE C 208 -15.16 2.71 -29.98
C PHE C 208 -15.63 3.86 -30.85
N PRO C 209 -16.72 4.53 -30.45
CA PRO C 209 -17.28 5.60 -31.28
C PRO C 209 -16.38 6.85 -31.30
N ILE C 210 -15.58 6.93 -32.36
CA ILE C 210 -14.71 8.06 -32.59
C ILE C 210 -15.23 8.78 -33.81
N VAL C 211 -15.54 10.07 -33.67
CA VAL C 211 -16.03 10.83 -34.79
C VAL C 211 -14.90 11.67 -35.39
N ALA C 216 -11.05 4.17 -36.28
CA ALA C 216 -12.26 3.88 -35.52
C ALA C 216 -12.00 2.91 -34.36
N GLN C 217 -10.72 2.84 -33.96
CA GLN C 217 -10.31 1.94 -32.90
C GLN C 217 -9.37 2.62 -31.91
N VAL C 218 -9.48 2.21 -30.65
CA VAL C 218 -8.63 2.75 -29.61
C VAL C 218 -7.57 1.72 -29.21
N PRO C 219 -6.29 2.11 -29.21
CA PRO C 219 -5.21 1.20 -28.81
C PRO C 219 -4.95 1.24 -27.30
N CYS C 220 -4.45 0.14 -26.74
CA CYS C 220 -3.86 0.19 -25.41
C CYS C 220 -2.66 -0.75 -25.39
N THR C 221 -1.83 -0.64 -24.37
CA THR C 221 -0.61 -1.45 -24.33
C THR C 221 -0.67 -2.67 -23.40
N LEU C 222 -1.68 -2.72 -22.53
CA LEU C 222 -1.94 -3.93 -21.73
C LEU C 222 -3.44 -4.11 -21.65
N PRO C 223 -3.92 -5.34 -21.87
CA PRO C 223 -5.32 -5.64 -21.57
C PRO C 223 -5.58 -5.38 -20.09
N GLN C 224 -6.77 -4.93 -19.74
CA GLN C 224 -7.04 -4.54 -18.36
C GLN C 224 -6.85 -5.70 -17.39
N GLU C 225 -7.28 -6.90 -17.79
CA GLU C 225 -7.13 -8.07 -16.91
C GLU C 225 -5.66 -8.46 -16.67
N PHE C 226 -4.76 -8.06 -17.57
CA PHE C 226 -3.32 -8.21 -17.30
C PHE C 226 -2.91 -7.30 -16.14
N VAL C 227 -3.41 -6.07 -16.16
CA VAL C 227 -3.13 -5.12 -15.08
C VAL C 227 -3.57 -5.67 -13.73
N SER C 228 -4.81 -6.11 -13.62
CA SER C 228 -5.26 -6.61 -12.33
C SER C 228 -4.53 -7.88 -11.92
N HIS C 229 -4.15 -8.70 -12.89
CA HIS C 229 -3.37 -9.89 -12.61
C HIS C 229 -2.04 -9.51 -11.96
N PHE C 230 -1.36 -8.53 -12.53
CA PHE C 230 -0.04 -8.16 -11.99
C PHE C 230 -0.18 -7.56 -10.59
N VAL C 231 -1.19 -6.73 -10.39
CA VAL C 231 -1.44 -6.11 -9.08
C VAL C 231 -1.71 -7.18 -8.02
N GLU C 232 -2.49 -8.16 -8.43
CA GLU C 232 -2.89 -9.22 -7.55
C GLU C 232 -1.74 -10.14 -7.18
N GLN C 233 -0.91 -10.45 -8.16
CA GLN C 233 0.13 -11.46 -7.98
C GLN C 233 1.40 -10.92 -7.33
N GLN C 234 1.77 -9.70 -7.69
CA GLN C 234 3.00 -9.09 -7.19
C GLN C 234 4.20 -10.02 -7.40
N ALA C 235 4.31 -10.58 -8.59
CA ALA C 235 5.38 -11.52 -8.87
C ALA C 235 6.70 -10.78 -9.03
N PRO C 236 7.79 -11.36 -8.52
CA PRO C 236 9.09 -10.73 -8.68
C PRO C 236 9.59 -10.87 -10.12
N VAL C 237 10.29 -9.85 -10.60
CA VAL C 237 10.87 -9.89 -11.93
C VAL C 237 12.20 -10.65 -11.84
N ARG C 238 12.30 -11.74 -12.59
CA ARG C 238 13.47 -12.62 -12.48
C ARG C 238 14.36 -12.58 -13.70
N GLY C 239 14.10 -11.64 -14.60
CA GLY C 239 14.89 -11.54 -15.81
C GLY C 239 14.61 -10.24 -16.49
N GLU C 240 15.29 -10.03 -17.63
CA GLU C 240 15.19 -8.77 -18.35
C GLU C 240 13.90 -8.66 -19.16
N ALA C 241 13.34 -9.81 -19.53
CA ALA C 241 12.08 -9.83 -20.27
C ALA C 241 11.44 -11.20 -20.13
N ALA C 242 10.13 -11.26 -20.28
CA ALA C 242 9.40 -12.53 -20.24
C ALA C 242 8.95 -12.92 -21.63
N LEU C 243 9.40 -14.08 -22.07
CA LEU C 243 8.95 -14.64 -23.34
C LEU C 243 7.56 -15.26 -23.13
N LEU C 244 6.61 -14.83 -23.95
CA LEU C 244 5.26 -15.38 -23.94
C LEU C 244 5.00 -16.13 -25.25
N HIS C 245 4.17 -17.15 -25.18
CA HIS C 245 3.65 -17.78 -26.38
C HIS C 245 2.17 -17.39 -26.48
N TYR C 246 1.67 -17.17 -27.69
CA TYR C 246 0.24 -16.94 -27.90
C TYR C 246 -0.28 -18.25 -28.46
N VAL C 247 -1.14 -18.93 -27.70
CA VAL C 247 -1.44 -20.34 -27.95
C VAL C 247 -2.91 -20.56 -28.30
N ASP C 248 -3.18 -21.44 -29.25
CA ASP C 248 -4.56 -21.85 -29.53
C ASP C 248 -4.98 -22.79 -28.42
N PRO C 249 -6.03 -22.44 -27.66
CA PRO C 249 -6.39 -23.20 -26.46
C PRO C 249 -7.04 -24.54 -26.76
N ASP C 250 -7.39 -24.77 -28.03
CA ASP C 250 -8.07 -26.00 -28.41
C ASP C 250 -7.11 -27.01 -29.05
N THR C 251 -6.12 -26.50 -29.78
CA THR C 251 -5.14 -27.36 -30.42
C THR C 251 -3.83 -27.33 -29.67
N HIS C 252 -3.68 -26.37 -28.77
CA HIS C 252 -2.46 -26.18 -27.97
C HIS C 252 -1.25 -25.80 -28.82
N ARG C 253 -1.52 -25.36 -30.04
CA ARG C 253 -0.47 -24.96 -30.97
C ARG C 253 0.00 -23.53 -30.70
N ASN C 254 1.32 -23.35 -30.73
CA ASN C 254 1.90 -22.05 -30.50
C ASN C 254 1.83 -21.17 -31.75
N LEU C 255 1.11 -20.06 -31.66
CA LEU C 255 0.84 -19.24 -32.83
C LEU C 255 1.81 -18.07 -32.98
N GLY C 256 2.60 -17.79 -31.94
CA GLY C 256 3.54 -16.70 -32.04
C GLY C 256 4.26 -16.39 -30.74
N GLU C 257 5.44 -15.78 -30.87
CA GLU C 257 6.28 -15.41 -29.73
C GLU C 257 6.16 -13.93 -29.46
N PHE C 258 6.07 -13.55 -28.18
CA PHE C 258 5.95 -12.16 -27.79
C PHE C 258 6.86 -11.95 -26.60
N LYS C 259 7.32 -10.73 -26.40
CA LYS C 259 8.12 -10.39 -25.22
C LYS C 259 7.36 -9.43 -24.32
N LEU C 260 7.31 -9.76 -23.04
CA LEU C 260 6.66 -8.92 -22.05
C LEU C 260 7.74 -8.25 -21.20
N TYR C 261 7.81 -6.92 -21.25
CA TYR C 261 8.84 -6.17 -20.54
C TYR C 261 8.43 -5.79 -19.11
N PRO C 262 9.39 -5.75 -18.18
CA PRO C 262 9.11 -5.43 -16.77
C PRO C 262 8.33 -4.11 -16.60
N ASP C 263 8.59 -3.12 -17.46
CA ASP C 263 7.89 -1.85 -17.34
C ASP C 263 6.43 -1.92 -17.77
N GLY C 264 6.01 -3.07 -18.27
CA GLY C 264 4.60 -3.32 -18.52
C GLY C 264 4.10 -3.06 -19.94
N PHE C 265 4.77 -3.63 -20.93
CA PHE C 265 4.26 -3.62 -22.29
C PHE C 265 4.75 -4.86 -23.03
N ILE C 266 4.22 -5.07 -24.24
CA ILE C 266 4.50 -6.28 -25.01
C ILE C 266 4.99 -5.90 -26.41
N THR C 267 5.98 -6.64 -26.92
CA THR C 267 6.42 -6.44 -28.29
C THR C 267 6.37 -7.74 -29.07
N CYS C 268 6.47 -7.61 -30.38
CA CYS C 268 6.65 -8.74 -31.26
C CYS C 268 7.64 -8.32 -32.34
N VAL C 269 8.00 -9.25 -33.21
CA VAL C 269 8.68 -8.92 -34.44
C VAL C 269 7.72 -9.26 -35.57
N PRO C 270 7.15 -8.24 -36.21
CA PRO C 270 6.14 -8.55 -37.21
C PRO C 270 6.77 -9.00 -38.51
N ASN C 271 6.20 -10.05 -39.12
CA ASN C 271 6.64 -10.48 -40.44
C ASN C 271 6.46 -9.33 -41.40
N THR C 272 7.31 -9.28 -42.41
CA THR C 272 7.23 -8.18 -43.36
C THR C 272 5.89 -8.23 -44.11
N GLY C 273 5.26 -7.08 -44.22
CA GLY C 273 3.93 -6.99 -44.81
C GLY C 273 2.82 -7.48 -43.90
N GLY C 274 3.18 -7.87 -42.67
CA GLY C 274 2.21 -8.44 -41.76
C GLY C 274 2.37 -8.08 -40.30
N GLY C 275 2.09 -9.04 -39.43
CA GLY C 275 2.16 -8.79 -38.00
C GLY C 275 1.01 -9.44 -37.26
N PRO C 276 0.87 -9.11 -35.98
CA PRO C 276 -0.07 -9.81 -35.10
C PRO C 276 -1.52 -9.53 -35.47
N GLN C 277 -1.75 -8.52 -36.31
CA GLN C 277 -3.10 -8.27 -36.81
C GLN C 277 -3.65 -9.44 -37.63
N ASN C 278 -2.78 -10.34 -38.06
CA ASN C 278 -3.18 -11.50 -38.87
C ASN C 278 -3.48 -12.74 -38.04
N LEU C 279 -3.28 -12.66 -36.73
CA LEU C 279 -3.49 -13.79 -35.83
C LEU C 279 -4.96 -13.88 -35.45
N PRO C 280 -5.43 -15.10 -35.12
CA PRO C 280 -6.79 -15.23 -34.60
C PRO C 280 -6.88 -14.56 -33.23
N THR C 281 -8.08 -14.17 -32.82
CA THR C 281 -8.23 -13.41 -31.59
C THR C 281 -8.73 -14.28 -30.43
N ASN C 282 -8.73 -15.59 -30.64
CA ASN C 282 -9.17 -16.50 -29.58
C ASN C 282 -8.00 -17.20 -28.89
N GLY C 283 -6.79 -16.66 -29.08
CA GLY C 283 -5.59 -17.27 -28.52
C GLY C 283 -5.36 -16.79 -27.11
N VAL C 284 -4.55 -17.54 -26.37
CA VAL C 284 -4.24 -17.22 -24.98
C VAL C 284 -2.74 -17.02 -24.80
N PHE C 285 -2.35 -15.92 -24.15
CA PHE C 285 -0.95 -15.72 -23.82
C PHE C 285 -0.55 -16.61 -22.66
N VAL C 286 0.63 -17.21 -22.77
CA VAL C 286 1.16 -18.09 -21.73
C VAL C 286 2.63 -17.78 -21.49
N PHE C 287 2.99 -17.55 -20.24
CA PHE C 287 4.41 -17.40 -19.88
C PHE C 287 5.22 -18.64 -20.28
N SER C 288 6.34 -18.41 -20.94
CA SER C 288 7.22 -19.49 -21.37
C SER C 288 8.51 -19.53 -20.53
N SER C 289 9.28 -18.46 -20.57
CA SER C 289 10.50 -18.35 -19.77
C SER C 289 11.00 -16.91 -19.67
N TRP C 290 11.90 -16.68 -18.71
CA TRP C 290 12.62 -15.41 -18.62
C TRP C 290 13.76 -15.45 -19.63
N VAL C 291 13.90 -14.36 -20.37
CA VAL C 291 14.91 -14.30 -21.41
C VAL C 291 15.66 -12.98 -21.33
N SER C 292 16.75 -12.90 -22.05
CA SER C 292 17.55 -11.71 -22.02
C SER C 292 16.83 -10.61 -22.83
N ARG C 293 17.11 -9.35 -22.54
CA ARG C 293 16.34 -8.27 -23.18
C ARG C 293 16.51 -8.21 -24.69
N TYR C 294 17.60 -8.77 -25.20
CA TYR C 294 17.82 -8.75 -26.64
C TYR C 294 17.56 -10.12 -27.28
N TYR C 295 16.85 -10.99 -26.57
CA TYR C 295 16.34 -12.21 -27.16
C TYR C 295 15.58 -11.88 -28.44
N GLN C 296 15.91 -12.57 -29.52
CA GLN C 296 15.35 -12.25 -30.84
C GLN C 296 14.14 -13.11 -31.15
N LEU C 297 12.98 -12.47 -31.26
CA LEU C 297 11.71 -13.16 -31.43
C LEU C 297 11.55 -13.71 -32.83
N LYS C 298 10.88 -14.84 -32.94
CA LYS C 298 10.44 -15.34 -34.23
C LYS C 298 9.39 -14.42 -34.80
N PRO C 299 9.57 -13.99 -36.06
CA PRO C 299 8.60 -13.08 -36.69
C PRO C 299 7.21 -13.69 -36.73
N VAL C 300 6.19 -12.84 -36.57
CA VAL C 300 4.81 -13.29 -36.45
C VAL C 300 3.88 -12.63 -37.49
N GLY C 301 2.85 -13.35 -37.90
CA GLY C 301 1.78 -12.77 -38.70
C GLY C 301 2.10 -12.49 -40.15
N LEU D 7 -6.94 -23.61 -4.61
CA LEU D 7 -7.94 -22.59 -4.88
C LEU D 7 -7.53 -21.26 -4.23
N THR D 8 -7.63 -20.18 -4.99
CA THR D 8 -7.53 -18.83 -4.44
C THR D 8 -8.73 -17.98 -4.89
N VAL D 9 -8.97 -16.88 -4.19
CA VAL D 9 -9.92 -15.88 -4.66
C VAL D 9 -9.14 -14.59 -4.89
N PRO D 10 -9.68 -13.65 -5.70
CA PRO D 10 -8.89 -12.45 -6.03
C PRO D 10 -8.36 -11.70 -4.81
N ASN D 11 -7.06 -11.41 -4.81
CA ASN D 11 -6.44 -10.57 -3.80
C ASN D 11 -6.62 -9.11 -4.20
N ILE D 12 -7.88 -8.67 -4.13
CA ILE D 12 -8.27 -7.34 -4.58
C ILE D 12 -9.34 -6.87 -3.60
N PRO D 13 -9.23 -5.64 -3.09
CA PRO D 13 -10.24 -5.16 -2.13
C PRO D 13 -11.61 -5.08 -2.78
N LEU D 14 -12.67 -5.26 -1.99
CA LEU D 14 -14.04 -5.34 -2.50
C LEU D 14 -14.44 -4.13 -3.33
N ASN D 15 -14.01 -2.95 -2.90
CA ASN D 15 -14.35 -1.73 -3.62
C ASN D 15 -13.61 -1.54 -4.94
N ASN D 16 -12.62 -2.39 -5.21
CA ASN D 16 -11.98 -2.42 -6.53
C ASN D 16 -12.47 -3.57 -7.41
N LEU D 17 -13.58 -4.20 -7.00
CA LEU D 17 -14.23 -5.25 -7.79
C LEU D 17 -15.51 -4.75 -8.46
N ALA D 18 -15.77 -5.27 -9.66
CA ALA D 18 -16.92 -4.87 -10.47
C ALA D 18 -18.17 -5.70 -10.20
N ASN D 19 -19.32 -5.07 -10.32
CA ASN D 19 -20.60 -5.77 -10.37
C ASN D 19 -20.64 -6.68 -11.59
N SER D 20 -21.26 -7.84 -11.44
CA SER D 20 -21.39 -8.78 -12.55
C SER D 20 -22.73 -8.65 -13.28
N ARG D 21 -23.62 -7.78 -12.79
CA ARG D 21 -24.91 -7.59 -13.46
C ARG D 21 -25.10 -6.21 -14.09
N VAL D 22 -24.34 -5.23 -13.64
CA VAL D 22 -24.31 -3.92 -14.32
C VAL D 22 -22.88 -3.42 -14.37
N PRO D 23 -22.56 -2.54 -15.34
CA PRO D 23 -21.19 -2.04 -15.41
C PRO D 23 -20.95 -0.96 -14.35
N ALA D 24 -20.57 -1.40 -13.17
CA ALA D 24 -20.40 -0.51 -12.03
C ALA D 24 -19.51 -1.19 -11.02
N MET D 25 -18.97 -0.43 -10.08
CA MET D 25 -18.11 -1.01 -9.04
C MET D 25 -18.97 -1.38 -7.84
N ILE D 26 -18.53 -2.39 -7.10
CA ILE D 26 -19.26 -2.79 -5.90
C ILE D 26 -19.02 -1.74 -4.83
N ASN D 27 -20.08 -1.35 -4.13
CA ASN D 27 -19.86 -0.39 -3.05
C ASN D 27 -20.25 -0.87 -1.65
N LYS D 28 -20.94 -2.02 -1.58
CA LYS D 28 -21.16 -2.67 -0.29
C LYS D 28 -21.68 -4.10 -0.45
N MET D 29 -21.72 -4.82 0.67
CA MET D 29 -22.35 -6.14 0.74
C MET D 29 -23.62 -6.01 1.54
N THR D 30 -24.56 -6.92 1.32
CA THR D 30 -25.72 -6.99 2.17
C THR D 30 -26.34 -8.38 2.12
N VAL D 31 -27.29 -8.61 3.01
CA VAL D 31 -28.12 -9.78 2.93
C VAL D 31 -29.52 -9.31 2.56
N SER D 32 -30.32 -10.18 1.96
CA SER D 32 -31.69 -9.83 1.61
C SER D 32 -32.55 -9.67 2.88
N THR D 33 -33.55 -8.80 2.81
CA THR D 33 -34.41 -8.53 3.95
C THR D 33 -35.11 -9.81 4.42
N ASP D 34 -35.57 -10.60 3.46
CA ASP D 34 -36.07 -11.94 3.72
C ASP D 34 -34.93 -12.87 3.39
N GLN D 35 -34.28 -13.42 4.41
CA GLN D 35 -33.10 -14.25 4.18
C GLN D 35 -33.43 -15.59 3.51
N ASN D 36 -34.72 -15.89 3.34
CA ASN D 36 -35.11 -17.09 2.61
C ASN D 36 -35.38 -16.85 1.12
N GLN D 37 -35.23 -15.60 0.69
CA GLN D 37 -35.48 -15.24 -0.70
C GLN D 37 -34.55 -15.99 -1.65
N VAL D 38 -35.13 -16.54 -2.71
CA VAL D 38 -34.35 -17.26 -3.71
C VAL D 38 -34.15 -16.36 -4.93
N VAL D 39 -32.93 -16.32 -5.47
CA VAL D 39 -32.70 -15.57 -6.70
C VAL D 39 -32.27 -16.50 -7.82
N GLN D 40 -32.34 -16.00 -9.06
CA GLN D 40 -31.94 -16.80 -10.21
C GLN D 40 -31.24 -15.92 -11.24
N PHE D 41 -30.35 -15.06 -10.76
CA PHE D 41 -29.58 -14.16 -11.66
C PHE D 41 -28.91 -15.00 -12.75
N GLN D 42 -28.85 -14.45 -13.96
CA GLN D 42 -28.28 -15.19 -15.08
C GLN D 42 -26.86 -14.73 -15.40
N ASN D 43 -26.52 -13.53 -14.92
CA ASN D 43 -25.16 -13.02 -14.97
C ASN D 43 -24.51 -13.15 -13.61
N GLY D 44 -23.17 -13.14 -13.59
CA GLY D 44 -22.43 -13.34 -12.35
C GLY D 44 -22.48 -14.77 -11.83
N ARG D 45 -22.71 -15.72 -12.73
CA ARG D 45 -22.88 -17.12 -12.37
C ARG D 45 -21.74 -17.96 -12.92
N CYS D 46 -21.01 -18.63 -12.04
CA CYS D 46 -19.87 -19.43 -12.45
C CYS D 46 -19.59 -20.40 -11.32
N THR D 47 -19.31 -21.66 -11.66
CA THR D 47 -18.97 -22.61 -10.61
C THR D 47 -17.51 -22.41 -10.20
N LEU D 48 -17.12 -22.99 -9.07
CA LEU D 48 -15.77 -22.80 -8.56
C LEU D 48 -14.76 -23.41 -9.50
N GLU D 49 -15.17 -24.42 -10.25
CA GLU D 49 -14.28 -25.06 -11.20
C GLU D 49 -14.11 -24.24 -12.45
N GLY D 50 -14.86 -23.15 -12.55
CA GLY D 50 -14.75 -22.24 -13.66
C GLY D 50 -15.69 -22.55 -14.81
N GLN D 51 -16.83 -23.15 -14.52
CA GLN D 51 -17.87 -23.35 -15.54
C GLN D 51 -18.84 -22.17 -15.54
N LEU D 52 -18.84 -21.39 -16.62
CA LEU D 52 -19.78 -20.27 -16.73
C LEU D 52 -21.20 -20.78 -16.85
N LEU D 53 -22.15 -20.12 -16.17
CA LEU D 53 -23.55 -20.51 -16.23
C LEU D 53 -24.42 -19.37 -16.76
N GLY D 54 -25.58 -19.70 -17.33
CA GLY D 54 -26.50 -18.66 -17.80
C GLY D 54 -25.86 -17.82 -18.88
N THR D 55 -26.04 -16.51 -18.81
CA THR D 55 -25.50 -15.61 -19.83
C THR D 55 -24.15 -15.00 -19.37
N THR D 56 -23.62 -15.49 -18.27
CA THR D 56 -22.41 -14.87 -17.67
C THR D 56 -21.22 -14.84 -18.62
N PRO D 57 -20.65 -13.64 -18.86
CA PRO D 57 -19.43 -13.55 -19.64
C PRO D 57 -18.19 -13.51 -18.73
N VAL D 58 -17.02 -13.34 -19.31
CA VAL D 58 -15.78 -13.41 -18.54
C VAL D 58 -15.32 -12.06 -18.02
N SER D 59 -15.43 -11.03 -18.87
CA SER D 59 -14.91 -9.70 -18.54
C SER D 59 -15.97 -8.75 -17.98
N ALA D 60 -15.55 -7.86 -17.09
CA ALA D 60 -16.45 -6.82 -16.61
C ALA D 60 -16.94 -5.90 -17.74
N SER D 61 -16.20 -5.85 -18.84
CA SER D 61 -16.61 -5.00 -19.96
C SER D 61 -17.49 -5.73 -20.97
N GLN D 62 -17.93 -6.92 -20.58
CA GLN D 62 -18.97 -7.64 -21.32
C GLN D 62 -20.31 -7.61 -20.56
N VAL D 63 -20.31 -7.08 -19.33
CA VAL D 63 -21.51 -7.16 -18.48
C VAL D 63 -22.61 -6.18 -18.88
N ALA D 64 -23.82 -6.70 -19.12
CA ALA D 64 -25.00 -5.87 -19.47
C ALA D 64 -24.82 -5.09 -20.76
N ARG D 65 -24.35 -5.80 -21.78
CA ARG D 65 -24.17 -5.22 -23.10
C ARG D 65 -24.96 -5.99 -24.14
N ILE D 66 -25.21 -5.34 -25.27
CA ILE D 66 -26.02 -5.93 -26.32
C ILE D 66 -25.40 -5.60 -27.67
N ARG D 67 -25.39 -6.58 -28.58
CA ARG D 67 -25.01 -6.33 -29.95
C ARG D 67 -25.98 -7.02 -30.88
N GLY D 68 -26.32 -6.36 -31.99
CA GLY D 68 -27.17 -7.00 -32.97
C GLY D 68 -27.26 -6.16 -34.23
N LYS D 69 -27.91 -6.71 -35.25
CA LYS D 69 -28.12 -6.00 -36.51
C LYS D 69 -29.52 -5.46 -36.54
N VAL D 70 -29.67 -4.18 -36.84
CA VAL D 70 -31.00 -3.58 -36.89
C VAL D 70 -31.86 -4.21 -37.99
N PHE D 71 -33.13 -4.48 -37.66
CA PHE D 71 -34.11 -4.84 -38.69
C PHE D 71 -35.32 -3.92 -38.56
N SER D 72 -36.11 -3.85 -39.62
CA SER D 72 -37.30 -3.01 -39.60
C SER D 72 -38.45 -3.74 -40.26
N THR D 73 -39.62 -3.74 -39.62
CA THR D 73 -40.83 -4.26 -40.25
C THR D 73 -41.90 -3.18 -40.14
N ALA D 74 -43.09 -3.47 -40.62
CA ALA D 74 -44.21 -2.54 -40.56
C ALA D 74 -44.51 -2.07 -39.14
N SER D 75 -44.27 -2.94 -38.16
CA SER D 75 -44.62 -2.60 -36.78
C SER D 75 -43.53 -1.81 -36.06
N GLY D 76 -42.28 -1.95 -36.50
CA GLY D 76 -41.21 -1.21 -35.89
C GLY D 76 -39.84 -1.81 -36.10
N LYS D 77 -38.88 -1.42 -35.28
CA LYS D 77 -37.49 -1.84 -35.44
C LYS D 77 -37.11 -2.81 -34.34
N GLY D 78 -36.00 -3.50 -34.55
CA GLY D 78 -35.50 -4.41 -33.54
C GLY D 78 -34.06 -4.76 -33.83
N LEU D 79 -33.46 -5.58 -32.98
CA LEU D 79 -32.14 -6.11 -33.24
C LEU D 79 -32.21 -7.62 -33.42
N ASN D 80 -31.58 -8.11 -34.48
CA ASN D 80 -31.27 -9.53 -34.56
C ASN D 80 -29.96 -9.72 -33.84
N LEU D 81 -30.01 -10.41 -32.70
CA LEU D 81 -28.88 -10.43 -31.77
C LEU D 81 -27.69 -11.28 -32.24
N THR D 82 -26.49 -10.85 -31.87
CA THR D 82 -25.28 -11.67 -32.01
C THR D 82 -24.58 -11.69 -30.66
N GLU D 83 -23.51 -12.47 -30.56
CA GLU D 83 -22.62 -12.30 -29.42
C GLU D 83 -21.96 -10.92 -29.54
N LEU D 84 -21.36 -10.46 -28.45
CA LEU D 84 -20.80 -9.11 -28.41
C LEU D 84 -19.60 -8.95 -29.36
N ASP D 85 -19.01 -10.06 -29.81
CA ASP D 85 -17.92 -10.00 -30.78
C ASP D 85 -18.44 -10.13 -32.22
N GLY D 86 -19.77 -10.19 -32.35
CA GLY D 86 -20.39 -10.23 -33.65
C GLY D 86 -20.57 -11.63 -34.23
N THR D 87 -20.18 -12.64 -33.47
CA THR D 87 -20.30 -14.04 -33.91
C THR D 87 -21.67 -14.60 -33.55
N PRO D 88 -22.07 -15.74 -34.16
CA PRO D 88 -23.41 -16.25 -33.95
C PRO D 88 -23.74 -16.56 -32.51
N TYR D 89 -24.92 -16.12 -32.11
CA TYR D 89 -25.47 -16.36 -30.78
C TYR D 89 -25.86 -17.83 -30.57
N HIS D 90 -25.40 -18.38 -29.44
CA HIS D 90 -25.56 -19.78 -29.09
C HIS D 90 -26.89 -20.05 -28.39
N ALA D 91 -28.00 -19.93 -29.11
CA ALA D 91 -29.33 -20.11 -28.50
C ALA D 91 -29.52 -21.54 -28.00
N PHE D 92 -28.76 -22.46 -28.55
CA PHE D 92 -28.94 -23.86 -28.22
C PHE D 92 -28.44 -24.17 -26.83
N GLU D 93 -27.63 -23.27 -26.26
CA GLU D 93 -27.06 -23.51 -24.93
C GLU D 93 -27.16 -22.36 -23.91
N SER D 94 -27.68 -21.21 -24.29
CA SER D 94 -27.75 -20.08 -23.34
C SER D 94 -29.06 -19.32 -23.52
N PRO D 95 -29.52 -18.60 -22.47
CA PRO D 95 -30.80 -17.88 -22.52
C PRO D 95 -30.77 -16.69 -23.50
N ALA D 96 -29.57 -16.19 -23.78
CA ALA D 96 -29.38 -14.98 -24.58
C ALA D 96 -27.87 -14.87 -24.85
N PRO D 97 -27.45 -13.91 -25.71
CA PRO D 97 -25.99 -13.78 -25.92
C PRO D 97 -25.27 -13.55 -24.60
N LEU D 98 -24.02 -13.99 -24.49
CA LEU D 98 -23.28 -13.76 -23.25
C LEU D 98 -23.20 -12.27 -22.92
N GLY D 99 -23.40 -11.93 -21.66
CA GLY D 99 -23.37 -10.54 -21.23
C GLY D 99 -24.69 -9.80 -21.36
N PHE D 100 -25.67 -10.38 -22.07
CA PHE D 100 -26.99 -9.76 -22.21
C PHE D 100 -27.55 -9.38 -20.84
N PRO D 101 -28.14 -8.17 -20.69
CA PRO D 101 -28.65 -7.78 -19.36
C PRO D 101 -29.65 -8.77 -18.78
N ASP D 102 -29.65 -8.91 -17.46
CA ASP D 102 -30.58 -9.83 -16.77
C ASP D 102 -31.39 -9.11 -15.70
N ILE D 103 -31.59 -7.80 -15.88
CA ILE D 103 -32.42 -7.04 -14.96
C ILE D 103 -33.89 -7.17 -15.38
N GLY D 104 -34.65 -8.02 -14.70
CA GLY D 104 -35.99 -8.33 -15.17
C GLY D 104 -37.08 -7.31 -14.94
N ALA D 105 -38.17 -7.45 -15.70
CA ALA D 105 -39.44 -6.74 -15.45
C ALA D 105 -39.30 -5.22 -15.38
N CYS D 106 -38.65 -4.64 -16.39
CA CYS D 106 -38.48 -3.20 -16.46
C CYS D 106 -38.12 -2.83 -17.88
N ASP D 107 -38.25 -1.55 -18.20
CA ASP D 107 -37.76 -1.04 -19.47
C ASP D 107 -36.25 -0.84 -19.38
N TRP D 108 -35.55 -1.14 -20.46
CA TRP D 108 -34.12 -0.87 -20.55
C TRP D 108 -33.86 0.28 -21.52
N HIS D 109 -32.78 1.00 -21.27
CA HIS D 109 -32.34 2.05 -22.18
C HIS D 109 -30.88 1.79 -22.43
N VAL D 110 -30.58 1.37 -23.66
CA VAL D 110 -29.27 0.86 -24.02
C VAL D 110 -28.63 1.80 -25.02
N SER D 111 -27.43 2.29 -24.73
CA SER D 111 -26.79 3.27 -25.59
C SER D 111 -25.82 2.57 -26.53
N THR D 112 -26.10 2.63 -27.83
CA THR D 112 -25.32 1.86 -28.80
C THR D 112 -24.71 2.76 -29.87
N PHE D 113 -23.67 2.25 -30.54
CA PHE D 113 -23.07 2.95 -31.67
C PHE D 113 -22.94 1.97 -32.83
N LYS D 114 -22.88 2.50 -34.04
CA LYS D 114 -22.71 1.67 -35.22
C LYS D 114 -21.25 1.26 -35.36
N VAL D 115 -21.01 -0.05 -35.39
CA VAL D 115 -19.64 -0.55 -35.42
C VAL D 115 -18.95 -0.14 -36.72
N ASP D 116 -19.76 0.05 -37.76
CA ASP D 116 -19.29 0.58 -39.03
C ASP D 116 -18.40 1.81 -38.89
N LEU D 119 -18.57 8.68 -38.89
CA LEU D 119 -17.86 9.83 -38.33
C LEU D 119 -18.14 11.18 -38.99
N SER D 120 -19.42 11.51 -39.04
CA SER D 120 -19.85 12.86 -38.71
C SER D 120 -21.21 12.71 -38.06
N GLY D 121 -21.45 13.46 -36.99
CA GLY D 121 -22.72 13.36 -36.29
C GLY D 121 -22.55 12.74 -34.92
N ASP D 122 -23.55 12.97 -34.07
CA ASP D 122 -23.72 12.21 -32.83
C ASP D 122 -23.84 10.73 -33.21
N PRO D 123 -22.90 9.89 -32.74
CA PRO D 123 -22.91 8.49 -33.16
C PRO D 123 -23.82 7.62 -32.29
N MET D 124 -24.39 8.17 -31.21
CA MET D 124 -25.08 7.29 -30.26
C MET D 124 -26.57 7.19 -30.55
N SER D 125 -27.11 5.99 -30.37
CA SER D 125 -28.56 5.81 -30.35
C SER D 125 -28.95 5.26 -28.97
N ARG D 126 -30.06 5.74 -28.42
CA ARG D 126 -30.60 5.12 -27.21
C ARG D 126 -31.72 4.18 -27.60
N LEU D 127 -31.52 2.88 -27.39
CA LEU D 127 -32.53 1.87 -27.74
C LEU D 127 -33.36 1.64 -26.51
N ASP D 128 -34.66 1.85 -26.65
CA ASP D 128 -35.60 1.74 -25.55
C ASP D 128 -36.35 0.42 -25.69
N VAL D 129 -36.10 -0.48 -24.75
CA VAL D 129 -36.54 -1.87 -24.86
C VAL D 129 -37.56 -2.20 -23.78
N LYS D 130 -38.70 -2.74 -24.16
CA LYS D 130 -39.72 -3.16 -23.20
C LYS D 130 -39.71 -4.68 -23.04
N GLN D 131 -39.89 -5.13 -21.81
CA GLN D 131 -40.01 -6.56 -21.53
C GLN D 131 -41.48 -6.92 -21.51
N ASN D 132 -42.11 -6.81 -22.68
CA ASN D 132 -43.52 -7.13 -22.82
C ASN D 132 -43.75 -8.47 -23.51
N ALA D 133 -45.02 -8.82 -23.56
CA ALA D 133 -45.29 -10.17 -23.87
C ALA D 133 -44.43 -10.73 -25.02
N PRO D 134 -43.96 -9.90 -25.93
CA PRO D 134 -43.28 -10.27 -27.16
C PRO D 134 -41.76 -10.28 -26.99
N PHE D 135 -41.30 -9.87 -25.82
CA PHE D 135 -39.85 -9.84 -25.54
C PHE D 135 -39.38 -11.27 -25.45
N ALA D 136 -38.53 -11.66 -26.39
CA ALA D 136 -38.10 -13.05 -26.49
C ALA D 136 -36.68 -13.18 -27.01
N PRO D 137 -35.71 -12.64 -26.25
CA PRO D 137 -34.31 -12.65 -26.68
C PRO D 137 -33.75 -14.05 -26.94
N HIS D 138 -34.28 -15.06 -26.27
CA HIS D 138 -33.77 -16.39 -26.51
C HIS D 138 -33.96 -16.83 -27.97
N LEU D 139 -35.02 -16.35 -28.61
CA LEU D 139 -35.28 -16.69 -30.00
C LEU D 139 -34.44 -15.85 -30.97
N GLY D 140 -33.63 -14.94 -30.42
CA GLY D 140 -32.63 -14.25 -31.22
C GLY D 140 -32.90 -12.80 -31.58
N SER D 141 -34.02 -12.26 -31.14
CA SER D 141 -34.32 -10.86 -31.46
C SER D 141 -35.02 -10.14 -30.33
N ILE D 142 -34.83 -8.83 -30.27
CA ILE D 142 -35.64 -7.98 -29.40
C ILE D 142 -36.14 -6.81 -30.21
N GLU D 143 -37.23 -6.18 -29.76
CA GLU D 143 -37.75 -4.99 -30.44
C GLU D 143 -37.52 -3.73 -29.61
N PHE D 144 -37.20 -2.62 -30.27
CA PHE D 144 -36.94 -1.38 -29.54
C PHE D 144 -37.65 -0.22 -30.22
N THR D 145 -37.78 0.88 -29.49
CA THR D 145 -38.06 2.17 -30.10
C THR D 145 -36.86 3.07 -29.82
N SER D 146 -36.67 4.09 -30.65
CA SER D 146 -35.56 5.01 -30.44
C SER D 146 -35.88 6.37 -31.04
N ASP D 147 -35.47 7.42 -30.34
CA ASP D 147 -35.60 8.75 -30.90
C ASP D 147 -34.52 9.06 -31.93
N GLN D 148 -33.52 8.18 -32.04
CA GLN D 148 -32.47 8.30 -33.03
C GLN D 148 -32.77 7.37 -34.22
N ASP D 149 -31.79 7.18 -35.09
CA ASP D 149 -32.01 6.35 -36.28
C ASP D 149 -30.92 5.29 -36.45
N PRO D 150 -30.84 4.32 -35.51
CA PRO D 150 -29.81 3.29 -35.61
C PRO D 150 -30.02 2.38 -36.81
N THR D 151 -28.90 2.03 -37.45
CA THR D 151 -28.91 1.09 -38.58
C THR D 151 -27.72 0.15 -38.44
N GLY D 152 -27.76 -0.96 -39.19
CA GLY D 152 -26.66 -1.90 -39.20
C GLY D 152 -26.29 -2.54 -37.87
N ASP D 153 -24.98 -2.75 -37.70
CA ASP D 153 -24.42 -3.46 -36.57
C ASP D 153 -24.28 -2.51 -35.38
N GLN D 154 -25.18 -2.62 -34.40
CA GLN D 154 -25.16 -1.76 -33.22
C GLN D 154 -24.60 -2.50 -32.00
N LEU D 155 -23.67 -1.87 -31.29
CA LEU D 155 -23.08 -2.45 -30.09
C LEU D 155 -23.22 -1.44 -28.98
N GLY D 156 -23.61 -1.88 -27.79
CA GLY D 156 -23.72 -0.93 -26.71
C GLY D 156 -23.96 -1.49 -25.33
N THR D 157 -24.26 -0.58 -24.40
CA THR D 157 -24.28 -0.93 -22.99
C THR D 157 -25.55 -0.41 -22.35
N LEU D 158 -26.11 -1.20 -21.43
CA LEU D 158 -27.24 -0.75 -20.64
C LEU D 158 -26.89 0.53 -19.89
N ALA D 159 -27.66 1.59 -20.11
CA ALA D 159 -27.40 2.90 -19.52
C ALA D 159 -28.22 3.16 -18.27
N TRP D 160 -29.50 2.82 -18.33
CA TRP D 160 -30.40 2.97 -17.19
C TRP D 160 -31.66 2.12 -17.36
N VAL D 161 -32.42 1.94 -16.29
CA VAL D 161 -33.64 1.17 -16.36
C VAL D 161 -34.79 1.96 -15.74
N SER D 162 -36.02 1.67 -16.17
CA SER D 162 -37.18 2.43 -15.70
C SER D 162 -38.40 1.52 -15.63
N PRO D 163 -39.48 1.95 -14.94
CA PRO D 163 -40.66 1.09 -14.81
C PRO D 163 -41.32 0.71 -16.14
N SER D 164 -41.86 -0.50 -16.21
CA SER D 164 -42.53 -0.98 -17.41
C SER D 164 -43.79 -0.19 -17.70
N THR D 165 -44.46 0.28 -16.67
CA THR D 165 -45.71 1.02 -16.79
C THR D 165 -45.75 2.08 -15.74
N SER D 166 -46.60 3.06 -15.96
CA SER D 166 -46.60 4.19 -15.08
C SER D 166 -47.03 3.68 -13.73
N GLY D 167 -46.41 4.15 -12.72
CA GLY D 167 -46.75 3.62 -11.42
C GLY D 167 -46.13 2.32 -10.98
N ALA D 168 -45.40 1.65 -11.85
CA ALA D 168 -44.82 0.42 -11.41
C ALA D 168 -43.48 0.76 -10.81
N ARG D 169 -42.86 -0.21 -10.20
CA ARG D 169 -41.54 0.02 -9.62
C ARG D 169 -40.54 -0.97 -10.19
N VAL D 170 -39.29 -0.56 -10.32
CA VAL D 170 -38.26 -1.47 -10.79
C VAL D 170 -37.75 -2.31 -9.63
N ASP D 171 -37.77 -3.63 -9.81
CA ASP D 171 -37.18 -4.55 -8.85
C ASP D 171 -35.99 -5.24 -9.51
N PRO D 172 -34.75 -4.77 -9.22
CA PRO D 172 -33.61 -5.36 -9.93
C PRO D 172 -33.20 -6.74 -9.42
N TRP D 173 -33.97 -7.29 -8.49
CA TRP D 173 -33.73 -8.65 -8.00
C TRP D 173 -34.43 -9.69 -8.87
N LYS D 174 -35.20 -9.23 -9.86
CA LYS D 174 -35.88 -10.10 -10.81
C LYS D 174 -35.02 -10.31 -12.06
N ILE D 175 -35.32 -11.39 -12.80
CA ILE D 175 -34.67 -11.67 -14.09
C ILE D 175 -35.71 -11.64 -15.21
N PRO D 176 -35.26 -11.51 -16.47
CA PRO D 176 -36.21 -11.49 -17.59
C PRO D 176 -36.84 -12.85 -17.83
N SER D 177 -37.93 -12.84 -18.60
CA SER D 177 -38.47 -14.03 -19.23
C SER D 177 -37.91 -14.04 -20.65
N TYR D 178 -36.96 -14.93 -20.90
CA TYR D 178 -36.20 -14.93 -22.15
C TYR D 178 -36.92 -15.54 -23.35
N GLY D 179 -37.92 -16.38 -23.08
CA GLY D 179 -38.62 -17.07 -24.14
C GLY D 179 -39.90 -16.36 -24.58
N SER D 180 -40.51 -16.88 -25.64
CA SER D 180 -41.73 -16.31 -26.17
C SER D 180 -42.93 -17.02 -25.58
N THR D 181 -42.76 -18.29 -25.31
CA THR D 181 -43.79 -19.08 -24.67
C THR D 181 -43.23 -19.62 -23.37
N VAL D 182 -44.13 -20.07 -22.52
CA VAL D 182 -43.74 -20.58 -21.22
C VAL D 182 -43.13 -21.96 -21.36
N THR D 183 -43.48 -22.65 -22.45
CA THR D 183 -42.99 -24.00 -22.71
C THR D 183 -41.59 -24.00 -23.33
N GLU D 184 -41.15 -22.83 -23.79
CA GLU D 184 -39.86 -22.72 -24.48
C GLU D 184 -38.67 -22.93 -23.54
N SER D 185 -37.77 -23.82 -23.92
CA SER D 185 -36.58 -24.08 -23.13
C SER D 185 -35.55 -22.98 -23.31
N THR D 186 -35.17 -22.31 -22.22
CA THR D 186 -34.23 -21.21 -22.32
C THR D 186 -32.88 -21.42 -21.62
N HIS D 187 -32.64 -22.61 -21.07
CA HIS D 187 -31.31 -22.98 -20.54
C HIS D 187 -30.80 -22.07 -19.39
N LEU D 188 -31.67 -21.77 -18.44
CA LEU D 188 -31.34 -20.85 -17.35
C LEU D 188 -30.34 -21.44 -16.38
N ALA D 189 -29.44 -20.61 -15.88
CA ALA D 189 -28.68 -20.99 -14.70
C ALA D 189 -29.70 -21.22 -13.60
N PRO D 190 -29.47 -22.23 -12.76
CA PRO D 190 -30.47 -22.63 -11.76
C PRO D 190 -30.61 -21.63 -10.61
N PRO D 191 -31.71 -21.73 -9.84
CA PRO D 191 -31.85 -20.83 -8.70
C PRO D 191 -30.72 -21.02 -7.68
N ILE D 192 -30.49 -19.99 -6.89
CA ILE D 192 -29.55 -20.07 -5.77
C ILE D 192 -30.38 -20.11 -4.49
N PHE D 193 -30.30 -21.22 -3.77
CA PHE D 193 -31.04 -21.40 -2.53
C PHE D 193 -30.18 -21.14 -1.30
N PRO D 194 -30.66 -20.29 -0.37
CA PRO D 194 -30.01 -20.17 0.94
C PRO D 194 -29.89 -21.58 1.54
N PRO D 195 -28.67 -21.95 1.98
CA PRO D 195 -28.38 -23.36 2.26
C PRO D 195 -28.81 -23.86 3.64
N GLY D 196 -29.41 -22.95 4.38
CA GLY D 196 -30.01 -23.22 5.65
C GLY D 196 -29.14 -22.74 6.78
N PHE D 197 -29.40 -23.36 7.94
CA PHE D 197 -28.59 -23.18 9.13
C PHE D 197 -28.28 -21.71 9.39
N GLY D 198 -29.26 -20.86 9.18
CA GLY D 198 -29.08 -19.44 9.46
C GLY D 198 -28.15 -18.74 8.50
N GLU D 199 -27.67 -19.47 7.49
CA GLU D 199 -26.81 -18.85 6.48
C GLU D 199 -27.62 -17.98 5.53
N ALA D 200 -27.03 -16.87 5.12
CA ALA D 200 -27.70 -15.98 4.17
C ALA D 200 -26.78 -15.74 3.00
N ILE D 201 -27.36 -15.67 1.81
CA ILE D 201 -26.61 -15.33 0.61
C ILE D 201 -26.07 -13.90 0.72
N VAL D 202 -24.82 -13.71 0.36
CA VAL D 202 -24.20 -12.38 0.36
C VAL D 202 -24.39 -11.75 -1.01
N TYR D 203 -24.97 -10.56 -1.03
CA TYR D 203 -25.21 -9.82 -2.26
C TYR D 203 -24.29 -8.63 -2.32
N PHE D 204 -23.65 -8.45 -3.47
CA PHE D 204 -22.71 -7.36 -3.71
C PHE D 204 -23.43 -6.27 -4.50
N MET D 205 -23.49 -5.08 -3.91
CA MET D 205 -24.39 -4.03 -4.38
C MET D 205 -23.65 -2.91 -5.09
N SER D 206 -24.28 -2.35 -6.12
CA SER D 206 -23.72 -1.22 -6.85
C SER D 206 -24.75 -0.12 -7.07
N ASP D 207 -24.31 1.13 -7.02
CA ASP D 207 -25.17 2.22 -7.48
C ASP D 207 -25.37 2.08 -8.99
N PHE D 208 -26.58 2.39 -9.46
CA PHE D 208 -26.86 2.35 -10.89
C PHE D 208 -28.13 3.15 -11.11
N PRO D 209 -28.24 3.85 -12.26
CA PRO D 209 -29.43 4.69 -12.44
C PRO D 209 -30.70 3.87 -12.67
N ILE D 210 -31.51 3.80 -11.62
CA ILE D 210 -32.78 3.10 -11.67
C ILE D 210 -33.84 4.13 -11.40
N VAL D 211 -34.69 4.38 -12.39
CA VAL D 211 -35.79 5.31 -12.19
C VAL D 211 -36.88 4.57 -11.42
N SER D 212 -37.20 5.07 -10.25
CA SER D 212 -38.24 4.46 -9.40
C SER D 212 -37.93 3.00 -9.05
N GLN D 217 -30.22 -0.04 -5.35
CA GLN D 217 -28.95 -0.58 -5.85
C GLN D 217 -29.16 -1.91 -6.55
N VAL D 218 -28.21 -2.28 -7.40
CA VAL D 218 -28.30 -3.53 -8.14
C VAL D 218 -27.48 -4.61 -7.45
N PRO D 219 -28.12 -5.73 -7.09
CA PRO D 219 -27.38 -6.81 -6.42
C PRO D 219 -26.74 -7.77 -7.42
N CYS D 220 -25.64 -8.39 -7.03
CA CYS D 220 -25.15 -9.57 -7.75
C CYS D 220 -24.59 -10.58 -6.75
N THR D 221 -24.39 -11.83 -7.18
CA THR D 221 -23.94 -12.87 -6.26
C THR D 221 -22.45 -13.22 -6.35
N LEU D 222 -21.77 -12.77 -7.41
CA LEU D 222 -20.30 -12.83 -7.44
C LEU D 222 -19.75 -11.56 -8.08
N PRO D 223 -18.70 -10.97 -7.48
CA PRO D 223 -18.01 -9.88 -8.17
C PRO D 223 -17.49 -10.42 -9.51
N GLN D 224 -17.50 -9.60 -10.56
CA GLN D 224 -17.11 -10.12 -11.87
C GLN D 224 -15.70 -10.69 -11.88
N GLU D 225 -14.76 -10.07 -11.17
CA GLU D 225 -13.40 -10.58 -11.13
C GLU D 225 -13.27 -11.96 -10.46
N PHE D 226 -14.24 -12.32 -9.60
CA PHE D 226 -14.30 -13.68 -9.04
C PHE D 226 -14.62 -14.66 -10.17
N VAL D 227 -15.57 -14.30 -11.02
CA VAL D 227 -15.92 -15.11 -12.18
C VAL D 227 -14.70 -15.35 -13.08
N SER D 228 -14.00 -14.29 -13.46
CA SER D 228 -12.86 -14.49 -14.37
C SER D 228 -11.75 -15.28 -13.69
N HIS D 229 -11.56 -15.04 -12.39
CA HIS D 229 -10.61 -15.79 -11.60
C HIS D 229 -10.91 -17.29 -11.66
N PHE D 230 -12.18 -17.68 -11.50
CA PHE D 230 -12.55 -19.10 -11.52
C PHE D 230 -12.34 -19.72 -12.91
N VAL D 231 -12.75 -19.00 -13.94
CA VAL D 231 -12.57 -19.46 -15.31
C VAL D 231 -11.10 -19.66 -15.63
N GLU D 232 -10.30 -18.69 -15.21
CA GLU D 232 -8.89 -18.73 -15.46
C GLU D 232 -8.15 -19.86 -14.75
N GLN D 233 -8.53 -20.10 -13.51
CA GLN D 233 -7.80 -21.07 -12.70
C GLN D 233 -8.18 -22.52 -12.98
N GLN D 234 -9.45 -22.77 -13.31
CA GLN D 234 -9.95 -24.13 -13.53
C GLN D 234 -9.53 -25.05 -12.38
N ALA D 235 -9.70 -24.57 -11.15
CA ALA D 235 -9.22 -25.29 -9.98
C ALA D 235 -10.14 -26.45 -9.63
N PRO D 236 -9.54 -27.58 -9.22
CA PRO D 236 -10.37 -28.69 -8.76
C PRO D 236 -11.03 -28.33 -7.45
N VAL D 237 -12.29 -28.72 -7.29
CA VAL D 237 -13.01 -28.46 -6.06
C VAL D 237 -12.69 -29.61 -5.12
N ARG D 238 -12.04 -29.30 -4.01
CA ARG D 238 -11.48 -30.32 -3.13
C ARG D 238 -12.24 -30.48 -1.84
N GLY D 239 -13.37 -29.79 -1.71
CA GLY D 239 -14.19 -29.92 -0.53
C GLY D 239 -15.60 -29.47 -0.86
N GLU D 240 -16.50 -29.59 0.12
CA GLU D 240 -17.90 -29.23 -0.07
C GLU D 240 -18.13 -27.72 -0.07
N ALA D 241 -17.22 -26.98 0.56
CA ALA D 241 -17.27 -25.52 0.55
C ALA D 241 -15.88 -24.95 0.82
N ALA D 242 -15.69 -23.68 0.47
CA ALA D 242 -14.43 -23.00 0.72
C ALA D 242 -14.64 -21.92 1.77
N LEU D 243 -13.96 -22.08 2.91
CA LEU D 243 -13.98 -21.05 3.94
C LEU D 243 -13.10 -19.87 3.55
N LEU D 244 -13.70 -18.68 3.55
CA LEU D 244 -12.97 -17.44 3.29
C LEU D 244 -12.96 -16.57 4.53
N HIS D 245 -11.90 -15.79 4.68
CA HIS D 245 -11.84 -14.72 5.65
C HIS D 245 -11.88 -13.39 4.89
N TYR D 246 -12.62 -12.43 5.42
CA TYR D 246 -12.67 -11.10 4.85
C TYR D 246 -11.73 -10.22 5.68
N VAL D 247 -10.60 -9.82 5.09
CA VAL D 247 -9.50 -9.23 5.86
C VAL D 247 -9.32 -7.74 5.58
N ASP D 248 -9.11 -6.95 6.62
CA ASP D 248 -8.80 -5.54 6.43
C ASP D 248 -7.38 -5.43 5.88
N PRO D 249 -7.20 -4.79 4.71
CA PRO D 249 -5.90 -4.83 4.06
C PRO D 249 -4.88 -3.91 4.71
N ASP D 250 -5.36 -3.01 5.57
CA ASP D 250 -4.46 -2.05 6.19
C ASP D 250 -4.02 -2.48 7.58
N THR D 251 -4.89 -3.22 8.30
CA THR D 251 -4.56 -3.70 9.64
C THR D 251 -4.35 -5.21 9.69
N HIS D 252 -4.78 -5.89 8.63
CA HIS D 252 -4.59 -7.34 8.47
C HIS D 252 -5.40 -8.15 9.46
N ARG D 253 -6.45 -7.53 10.00
CA ARG D 253 -7.33 -8.20 10.93
C ARG D 253 -8.46 -8.90 10.19
N ASN D 254 -8.83 -10.08 10.67
CA ASN D 254 -9.94 -10.85 10.14
C ASN D 254 -11.26 -10.22 10.55
N LEU D 255 -12.05 -9.79 9.57
CA LEU D 255 -13.29 -9.08 9.85
C LEU D 255 -14.51 -9.99 9.81
N GLY D 256 -14.32 -11.24 9.38
CA GLY D 256 -15.44 -12.17 9.34
C GLY D 256 -15.24 -13.37 8.43
N GLU D 257 -15.94 -14.45 8.78
CA GLU D 257 -15.90 -15.70 8.02
C GLU D 257 -17.05 -15.78 7.03
N PHE D 258 -16.75 -16.28 5.84
CA PHE D 258 -17.71 -16.46 4.76
C PHE D 258 -17.51 -17.85 4.14
N LYS D 259 -18.56 -18.39 3.53
CA LYS D 259 -18.46 -19.66 2.82
C LYS D 259 -18.72 -19.47 1.34
N LEU D 260 -17.82 -20.01 0.53
CA LEU D 260 -17.95 -19.95 -0.93
C LEU D 260 -18.31 -21.36 -1.40
N TYR D 261 -19.49 -21.51 -1.99
CA TYR D 261 -20.00 -22.83 -2.36
C TYR D 261 -19.62 -23.18 -3.78
N PRO D 262 -19.42 -24.48 -4.07
CA PRO D 262 -19.02 -24.93 -5.41
C PRO D 262 -19.90 -24.42 -6.54
N ASP D 263 -21.20 -24.26 -6.30
CA ASP D 263 -22.10 -23.79 -7.36
C ASP D 263 -21.90 -22.30 -7.66
N GLY D 264 -21.06 -21.63 -6.87
CA GLY D 264 -20.67 -20.26 -7.19
C GLY D 264 -21.47 -19.15 -6.54
N PHE D 265 -21.52 -19.18 -5.22
CA PHE D 265 -22.13 -18.10 -4.44
C PHE D 265 -21.51 -18.11 -3.05
N ILE D 266 -21.73 -17.02 -2.31
CA ILE D 266 -21.11 -16.80 -1.02
C ILE D 266 -22.16 -16.56 0.04
N THR D 267 -21.95 -17.13 1.23
CA THR D 267 -22.87 -16.91 2.35
C THR D 267 -22.10 -16.45 3.58
N CYS D 268 -22.85 -15.97 4.56
CA CYS D 268 -22.36 -15.69 5.89
C CYS D 268 -23.50 -16.01 6.81
N VAL D 269 -23.25 -15.98 8.11
CA VAL D 269 -24.33 -15.93 9.07
C VAL D 269 -24.37 -14.51 9.59
N PRO D 270 -25.43 -13.76 9.23
CA PRO D 270 -25.45 -12.37 9.64
C PRO D 270 -25.82 -12.24 11.11
N ASN D 271 -25.15 -11.34 11.81
CA ASN D 271 -25.56 -10.99 13.16
C ASN D 271 -27.00 -10.52 13.18
N THR D 272 -27.71 -10.89 14.23
CA THR D 272 -29.08 -10.47 14.40
C THR D 272 -29.14 -8.94 14.41
N GLY D 273 -29.98 -8.38 13.55
CA GLY D 273 -30.07 -6.93 13.39
C GLY D 273 -28.96 -6.32 12.55
N GLY D 274 -28.10 -7.16 12.00
CA GLY D 274 -26.98 -6.67 11.21
C GLY D 274 -26.62 -7.52 10.02
N GLY D 275 -25.33 -7.66 9.77
CA GLY D 275 -24.85 -8.46 8.67
C GLY D 275 -23.69 -7.77 7.98
N PRO D 276 -23.27 -8.31 6.83
CA PRO D 276 -22.08 -7.82 6.14
C PRO D 276 -22.24 -6.38 5.65
N GLN D 277 -23.46 -5.85 5.65
CA GLN D 277 -23.67 -4.43 5.33
C GLN D 277 -23.00 -3.52 6.36
N ASN D 278 -22.71 -4.04 7.55
CA ASN D 278 -22.02 -3.24 8.56
C ASN D 278 -20.50 -3.37 8.50
N LEU D 279 -19.99 -4.14 7.57
CA LEU D 279 -18.54 -4.30 7.45
C LEU D 279 -17.96 -3.21 6.57
N PRO D 280 -16.67 -2.89 6.77
CA PRO D 280 -15.98 -1.99 5.84
C PRO D 280 -16.02 -2.56 4.44
N THR D 281 -15.96 -1.69 3.44
CA THR D 281 -16.13 -2.12 2.06
C THR D 281 -14.80 -2.24 1.30
N ASN D 282 -13.69 -2.22 2.04
CA ASN D 282 -12.38 -2.24 1.42
C ASN D 282 -11.59 -3.47 1.81
N GLY D 283 -12.29 -4.47 2.32
CA GLY D 283 -11.66 -5.70 2.74
C GLY D 283 -11.32 -6.60 1.56
N VAL D 284 -10.44 -7.56 1.81
CA VAL D 284 -10.03 -8.54 0.80
C VAL D 284 -10.43 -9.94 1.24
N PHE D 285 -11.10 -10.69 0.36
CA PHE D 285 -11.42 -12.08 0.69
C PHE D 285 -10.17 -12.94 0.49
N VAL D 286 -9.91 -13.83 1.44
CA VAL D 286 -8.78 -14.74 1.37
C VAL D 286 -9.25 -16.18 1.62
N PHE D 287 -8.89 -17.09 0.72
CA PHE D 287 -9.16 -18.50 0.95
C PHE D 287 -8.44 -19.02 2.20
N SER D 288 -9.18 -19.68 3.08
CA SER D 288 -8.61 -20.24 4.31
C SER D 288 -8.45 -21.77 4.25
N SER D 289 -9.53 -22.48 3.93
CA SER D 289 -9.49 -23.95 3.92
C SER D 289 -10.70 -24.50 3.20
N TRP D 290 -10.56 -25.70 2.64
CA TRP D 290 -11.74 -26.47 2.24
C TRP D 290 -12.43 -26.98 3.50
N VAL D 291 -13.75 -26.93 3.53
CA VAL D 291 -14.50 -27.35 4.72
C VAL D 291 -15.77 -28.09 4.32
N SER D 292 -16.39 -28.73 5.31
CA SER D 292 -17.68 -29.40 5.12
C SER D 292 -18.77 -28.40 4.73
N ARG D 293 -19.76 -28.89 4.00
CA ARG D 293 -20.94 -28.10 3.66
C ARG D 293 -21.58 -27.47 4.91
N TYR D 294 -21.42 -28.15 6.03
CA TYR D 294 -22.08 -27.75 7.26
C TYR D 294 -21.15 -27.08 8.26
N TYR D 295 -19.97 -26.65 7.79
CA TYR D 295 -19.07 -25.83 8.59
C TYR D 295 -19.87 -24.68 9.20
N GLN D 296 -19.71 -24.50 10.50
CA GLN D 296 -20.54 -23.56 11.25
C GLN D 296 -19.84 -22.22 11.38
N LEU D 297 -20.38 -21.19 10.74
CA LEU D 297 -19.75 -19.87 10.70
C LEU D 297 -20.04 -19.01 11.93
N LYS D 298 -19.06 -18.21 12.35
CA LYS D 298 -19.30 -17.17 13.35
C LYS D 298 -20.10 -16.05 12.71
N PRO D 299 -21.13 -15.55 13.41
CA PRO D 299 -21.94 -14.45 12.87
C PRO D 299 -21.10 -13.20 12.58
N VAL D 300 -21.45 -12.47 11.52
CA VAL D 300 -20.69 -11.30 11.10
C VAL D 300 -21.51 -10.02 11.16
N GLY D 301 -20.85 -8.89 11.41
CA GLY D 301 -21.51 -7.60 11.45
C GLY D 301 -22.65 -7.52 12.44
#